data_1BZK
#
_entry.id   1BZK
#
_cell.length_a   1.000
_cell.length_b   1.000
_cell.length_c   1.000
_cell.angle_alpha   90.00
_cell.angle_beta   90.00
_cell.angle_gamma   90.00
#
_symmetry.space_group_name_H-M   'P 1'
#
_entity_poly.entity_id   1
_entity_poly.type   'polypeptide(L)'
_entity_poly.pdbx_seq_one_letter_code
;(ACE)RYPYYLSDITDAFSPQVLAAVIFIYFAALSPAITFGGLLGEK
;
_entity_poly.pdbx_strand_id   A
#
loop_
_chem_comp.id
_chem_comp.type
_chem_comp.name
_chem_comp.formula
ACE non-polymer 'ACETYL GROUP' 'C2 H4 O'
#
# COMPACT_ATOMS: atom_id res chain seq x y z
C ACE A 1 -13.96 5.07 0.87
O ACE A 1 -14.95 4.61 1.43
CH3 ACE A 1 -13.25 6.28 1.44
H1 ACE A 1 -12.95 6.09 2.47
H2 ACE A 1 -13.90 7.14 1.42
H3 ACE A 1 -12.36 6.49 0.85
N ARG A 2 -13.50 4.54 -0.22
CA ARG A 2 -14.16 3.35 -0.83
C ARG A 2 -13.54 2.07 -0.25
N TYR A 3 -12.68 1.43 -1.00
CA TYR A 3 -12.05 0.17 -0.48
C TYR A 3 -10.79 -0.14 -1.30
N PRO A 4 -9.70 0.45 -0.88
CA PRO A 4 -8.34 0.32 -1.49
C PRO A 4 -7.60 -0.87 -0.90
N TYR A 5 -7.06 -0.73 0.28
CA TYR A 5 -6.33 -1.87 0.91
C TYR A 5 -7.33 -2.95 1.31
N TYR A 6 -8.54 -2.58 1.60
CA TYR A 6 -9.57 -3.59 2.00
C TYR A 6 -9.56 -4.75 1.00
N LEU A 7 -9.44 -4.46 -0.26
CA LEU A 7 -9.42 -5.54 -1.28
C LEU A 7 -8.16 -6.38 -1.14
N SER A 8 -7.05 -5.75 -0.86
CA SER A 8 -5.78 -6.51 -0.71
C SER A 8 -5.65 -7.07 0.71
N ASP A 9 -6.75 -7.14 1.43
CA ASP A 9 -6.68 -7.68 2.82
C ASP A 9 -6.81 -9.20 2.79
N ILE A 10 -7.89 -9.71 2.26
CA ILE A 10 -8.08 -11.19 2.21
C ILE A 10 -7.26 -11.76 1.06
N THR A 11 -7.03 -11.00 0.03
CA THR A 11 -6.24 -11.50 -1.12
C THR A 11 -4.73 -11.32 -0.85
N ASP A 12 -4.34 -11.25 0.39
CA ASP A 12 -2.90 -11.06 0.70
C ASP A 12 -2.21 -12.43 0.86
N ALA A 13 -2.90 -13.49 0.53
CA ALA A 13 -2.29 -14.84 0.66
C ALA A 13 -1.90 -15.38 -0.72
N PHE A 14 -2.46 -14.82 -1.76
CA PHE A 14 -2.13 -15.30 -3.13
C PHE A 14 -0.75 -14.77 -3.56
N SER A 15 -0.08 -14.06 -2.70
CA SER A 15 1.25 -13.51 -3.07
C SER A 15 2.16 -13.46 -1.84
N PRO A 16 2.94 -14.51 -1.68
CA PRO A 16 3.92 -14.71 -0.56
C PRO A 16 5.30 -14.20 -0.98
N GLN A 17 5.94 -14.88 -1.90
CA GLN A 17 7.29 -14.44 -2.34
C GLN A 17 7.19 -13.01 -2.87
N VAL A 18 6.26 -12.78 -3.76
CA VAL A 18 6.08 -11.41 -4.31
C VAL A 18 5.77 -10.45 -3.16
N LEU A 19 5.28 -10.95 -2.06
CA LEU A 19 4.98 -10.05 -0.92
C LEU A 19 6.28 -9.36 -0.47
N ALA A 20 7.28 -10.12 -0.13
CA ALA A 20 8.58 -9.52 0.30
C ALA A 20 9.05 -8.53 -0.77
N ALA A 21 9.09 -8.98 -2.00
CA ALA A 21 9.53 -8.10 -3.11
C ALA A 21 8.81 -6.76 -3.03
N VAL A 22 7.51 -6.80 -3.02
CA VAL A 22 6.70 -5.55 -2.94
C VAL A 22 7.21 -4.68 -1.80
N ILE A 23 7.66 -5.28 -0.74
CA ILE A 23 8.17 -4.49 0.41
C ILE A 23 9.51 -3.86 0.01
N PHE A 24 10.32 -4.59 -0.71
CA PHE A 24 11.62 -4.02 -1.14
C PHE A 24 11.36 -2.73 -1.91
N ILE A 25 10.36 -2.71 -2.74
CA ILE A 25 10.04 -1.48 -3.50
C ILE A 25 9.40 -0.49 -2.53
N TYR A 26 8.67 -0.98 -1.56
CA TYR A 26 8.04 -0.08 -0.56
C TYR A 26 9.16 0.60 0.21
N PHE A 27 10.32 0.00 0.21
CA PHE A 27 11.50 0.58 0.90
C PHE A 27 12.24 1.47 -0.08
N ALA A 28 12.20 1.12 -1.34
CA ALA A 28 12.92 1.89 -2.39
C ALA A 28 12.06 3.06 -2.89
N ALA A 29 11.04 2.78 -3.64
CA ALA A 29 10.19 3.88 -4.21
C ALA A 29 9.21 4.43 -3.18
N LEU A 30 8.46 3.58 -2.54
CA LEU A 30 7.45 4.05 -1.54
C LEU A 30 8.12 4.42 -0.21
N SER A 31 9.38 4.77 -0.23
CA SER A 31 10.08 5.13 1.05
C SER A 31 9.47 6.41 1.63
N PRO A 32 9.37 7.41 0.79
CA PRO A 32 8.84 8.79 1.10
C PRO A 32 7.33 8.89 0.87
N ALA A 33 6.78 8.01 0.06
CA ALA A 33 5.31 8.07 -0.21
C ALA A 33 4.52 7.87 1.09
N ILE A 34 5.07 7.16 2.03
CA ILE A 34 4.33 6.92 3.32
C ILE A 34 3.66 8.20 3.80
N THR A 35 4.44 9.20 4.13
CA THR A 35 3.84 10.47 4.65
C THR A 35 3.17 11.28 3.54
N PHE A 36 3.63 11.14 2.32
CA PHE A 36 3.00 11.92 1.21
C PHE A 36 1.65 11.32 0.83
N GLY A 37 0.60 12.09 0.89
CA GLY A 37 -0.74 11.56 0.52
C GLY A 37 -1.38 10.88 1.73
N GLY A 38 -2.59 11.24 2.06
CA GLY A 38 -3.26 10.60 3.23
C GLY A 38 -4.56 11.34 3.56
N LEU A 39 -4.45 12.56 4.02
CA LEU A 39 -5.67 13.33 4.37
C LEU A 39 -6.37 13.79 3.09
N LEU A 40 -7.33 13.03 2.63
CA LEU A 40 -8.06 13.41 1.39
C LEU A 40 -9.45 13.94 1.75
N GLY A 41 -9.69 14.21 3.01
CA GLY A 41 -11.03 14.73 3.41
C GLY A 41 -10.87 15.70 4.58
N GLU A 42 -10.26 16.82 4.34
CA GLU A 42 -10.07 17.82 5.43
C GLU A 42 -11.43 18.13 6.07
N LYS A 43 -12.49 17.96 5.33
CA LYS A 43 -13.83 18.25 5.89
C LYS A 43 -13.82 19.60 6.60
C ACE A 1 -19.99 -0.91 -13.28
O ACE A 1 -20.28 -0.33 -12.25
CH3 ACE A 1 -20.96 -0.92 -14.47
H1 ACE A 1 -21.88 -0.44 -14.19
H2 ACE A 1 -21.16 -1.95 -14.76
H3 ACE A 1 -20.53 -0.39 -15.30
N ARG A 2 -18.85 -1.53 -13.43
CA ARG A 2 -17.88 -1.54 -12.30
C ARG A 2 -16.47 -1.30 -12.85
N TYR A 3 -15.72 -0.42 -12.23
CA TYR A 3 -14.34 -0.14 -12.72
C TYR A 3 -13.84 1.15 -12.07
N PRO A 4 -14.65 2.17 -12.17
CA PRO A 4 -14.41 3.55 -11.63
C PRO A 4 -14.87 3.61 -10.17
N TYR A 5 -15.95 2.96 -9.85
CA TYR A 5 -16.45 2.97 -8.44
C TYR A 5 -15.65 1.94 -7.62
N TYR A 6 -15.02 1.02 -8.29
CA TYR A 6 -14.23 -0.02 -7.58
C TYR A 6 -13.13 0.64 -6.75
N LEU A 7 -12.51 1.66 -7.27
CA LEU A 7 -11.43 2.34 -6.50
C LEU A 7 -11.94 2.80 -5.13
N SER A 8 -13.02 3.52 -5.11
CA SER A 8 -13.56 4.00 -3.80
C SER A 8 -13.71 2.81 -2.83
N ASP A 9 -13.79 1.61 -3.34
CA ASP A 9 -13.93 0.44 -2.44
C ASP A 9 -12.56 -0.05 -1.98
N ILE A 10 -11.65 -0.25 -2.89
CA ILE A 10 -10.28 -0.72 -2.52
C ILE A 10 -9.67 0.21 -1.48
N THR A 11 -10.21 1.39 -1.32
CA THR A 11 -9.63 2.34 -0.33
C THR A 11 -10.27 2.12 1.04
N ASP A 12 -11.54 1.82 1.08
CA ASP A 12 -12.22 1.62 2.39
C ASP A 12 -12.19 0.14 2.83
N ALA A 13 -12.87 -0.71 2.11
CA ALA A 13 -12.94 -2.15 2.50
C ALA A 13 -11.59 -2.86 2.29
N PHE A 14 -10.64 -2.26 1.63
CA PHE A 14 -9.35 -2.95 1.42
C PHE A 14 -8.37 -2.65 2.55
N SER A 15 -8.84 -2.05 3.62
CA SER A 15 -7.94 -1.73 4.77
C SER A 15 -6.55 -1.35 4.27
N PRO A 16 -6.50 -0.28 3.54
CA PRO A 16 -5.26 0.31 2.93
C PRO A 16 -4.56 1.23 3.92
N GLN A 17 -5.30 2.13 4.53
CA GLN A 17 -4.67 3.05 5.52
C GLN A 17 -4.05 2.22 6.65
N VAL A 18 -4.77 1.23 7.10
CA VAL A 18 -4.23 0.34 8.19
C VAL A 18 -3.12 -0.53 7.62
N LEU A 19 -3.34 -1.17 6.51
CA LEU A 19 -2.26 -2.02 5.92
C LEU A 19 -0.95 -1.24 5.97
N ALA A 20 -1.00 0.02 5.64
CA ALA A 20 0.23 0.86 5.70
C ALA A 20 0.79 0.79 7.11
N ALA A 21 -0.06 0.99 8.08
CA ALA A 21 0.36 0.95 9.50
C ALA A 21 1.09 -0.36 9.79
N VAL A 22 0.44 -1.45 9.55
CA VAL A 22 1.08 -2.78 9.80
C VAL A 22 2.42 -2.84 9.06
N ILE A 23 2.56 -2.08 8.02
CA ILE A 23 3.84 -2.08 7.26
C ILE A 23 4.85 -1.16 7.96
N PHE A 24 4.38 -0.13 8.59
CA PHE A 24 5.31 0.79 9.30
C PHE A 24 6.19 -0.03 10.23
N ILE A 25 5.61 -0.88 11.04
CA ILE A 25 6.44 -1.73 11.93
C ILE A 25 7.19 -2.72 11.04
N TYR A 26 6.57 -3.15 9.98
CA TYR A 26 7.26 -4.09 9.05
C TYR A 26 8.49 -3.38 8.49
N PHE A 27 8.49 -2.08 8.57
CA PHE A 27 9.65 -1.29 8.08
C PHE A 27 10.67 -1.21 9.20
N ALA A 28 10.22 -1.04 10.40
CA ALA A 28 11.12 -1.00 11.57
C ALA A 28 12.11 -2.16 11.45
N ALA A 29 11.60 -3.34 11.30
CA ALA A 29 12.46 -4.55 11.15
C ALA A 29 13.22 -4.49 9.83
N LEU A 30 12.53 -4.09 8.80
CA LEU A 30 13.15 -4.00 7.44
C LEU A 30 14.18 -2.85 7.35
N SER A 31 14.60 -2.30 8.46
CA SER A 31 15.58 -1.18 8.43
C SER A 31 16.64 -1.40 7.33
N PRO A 32 17.19 -2.58 7.31
CA PRO A 32 18.26 -3.06 6.37
C PRO A 32 17.66 -3.61 5.08
N ALA A 33 16.43 -4.04 5.10
CA ALA A 33 15.81 -4.59 3.86
C ALA A 33 15.60 -3.47 2.85
N ILE A 34 15.74 -2.25 3.28
CA ILE A 34 15.54 -1.07 2.38
C ILE A 34 15.91 -1.41 0.94
N THR A 35 16.94 -2.19 0.73
CA THR A 35 17.34 -2.54 -0.65
C THR A 35 16.37 -3.58 -1.22
N PHE A 36 16.12 -4.63 -0.51
CA PHE A 36 15.18 -5.69 -0.99
C PHE A 36 13.99 -5.03 -1.70
N GLY A 37 13.38 -4.06 -1.08
CA GLY A 37 12.21 -3.39 -1.72
C GLY A 37 12.46 -1.88 -1.77
N GLY A 38 11.47 -1.10 -2.12
CA GLY A 38 11.66 0.38 -2.18
C GLY A 38 10.68 0.99 -3.19
N LEU A 39 10.60 0.42 -4.37
CA LEU A 39 9.67 0.98 -5.39
C LEU A 39 8.29 1.18 -4.76
N LEU A 40 7.82 2.40 -4.73
CA LEU A 40 6.47 2.66 -4.13
C LEU A 40 5.43 2.77 -5.25
N GLY A 41 5.78 3.42 -6.33
CA GLY A 41 4.81 3.57 -7.45
C GLY A 41 4.48 5.06 -7.63
N GLU A 42 4.89 5.88 -6.71
CA GLU A 42 4.61 7.34 -6.83
C GLU A 42 5.43 7.93 -7.97
N LYS A 43 6.73 7.78 -7.92
CA LYS A 43 7.61 8.34 -8.99
C LYS A 43 7.11 9.73 -9.40
C ACE A 1 2.88 -10.04 -1.14
O ACE A 1 2.98 -10.69 -0.12
CH3 ACE A 1 3.65 -10.43 -2.40
H1 ACE A 1 4.67 -10.69 -2.15
H2 ACE A 1 3.64 -9.61 -3.11
H3 ACE A 1 3.17 -11.30 -2.86
N ARG A 2 2.13 -8.98 -1.20
CA ARG A 2 1.36 -8.53 -0.01
C ARG A 2 -0.13 -8.79 -0.24
N TYR A 3 -0.71 -8.14 -1.21
CA TYR A 3 -2.16 -8.35 -1.48
C TYR A 3 -2.52 -7.73 -2.83
N PRO A 4 -2.05 -8.36 -3.87
CA PRO A 4 -2.25 -7.97 -5.31
C PRO A 4 -3.54 -8.58 -5.85
N TYR A 5 -3.92 -9.73 -5.35
CA TYR A 5 -5.16 -10.38 -5.84
C TYR A 5 -6.35 -9.95 -4.99
N TYR A 6 -6.22 -9.98 -3.69
CA TYR A 6 -7.36 -9.57 -2.82
C TYR A 6 -7.73 -8.11 -3.13
N LEU A 7 -6.77 -7.24 -3.18
CA LEU A 7 -7.05 -5.81 -3.47
C LEU A 7 -7.64 -5.67 -4.88
N SER A 8 -7.11 -6.39 -5.82
CA SER A 8 -7.63 -6.30 -7.22
C SER A 8 -8.87 -7.19 -7.37
N ASP A 9 -9.47 -7.60 -6.28
CA ASP A 9 -10.68 -8.47 -6.40
C ASP A 9 -11.94 -7.59 -6.46
N ILE A 10 -12.74 -7.61 -5.42
CA ILE A 10 -13.98 -6.78 -5.44
C ILE A 10 -13.70 -5.39 -4.83
N THR A 11 -12.90 -5.36 -3.80
CA THR A 11 -12.59 -4.06 -3.13
C THR A 11 -11.78 -3.14 -4.06
N ASP A 12 -11.45 -3.58 -5.23
CA ASP A 12 -10.65 -2.72 -6.15
C ASP A 12 -11.54 -1.60 -6.73
N ALA A 13 -12.78 -1.91 -7.02
CA ALA A 13 -13.68 -0.87 -7.59
C ALA A 13 -14.67 -0.38 -6.52
N PHE A 14 -14.47 -0.76 -5.29
CA PHE A 14 -15.40 -0.32 -4.22
C PHE A 14 -14.91 0.99 -3.60
N SER A 15 -13.95 0.91 -2.73
CA SER A 15 -13.41 2.14 -2.08
C SER A 15 -11.91 1.96 -1.85
N PRO A 16 -11.16 2.12 -2.91
CA PRO A 16 -9.68 1.99 -2.97
C PRO A 16 -9.02 3.34 -2.60
N GLN A 17 -9.40 4.39 -3.27
CA GLN A 17 -8.80 5.71 -2.97
C GLN A 17 -9.05 6.04 -1.48
N VAL A 18 -10.02 5.40 -0.89
CA VAL A 18 -10.33 5.66 0.55
C VAL A 18 -9.50 4.72 1.43
N LEU A 19 -9.64 3.43 1.23
CA LEU A 19 -8.85 2.48 2.08
C LEU A 19 -7.40 2.95 2.10
N ALA A 20 -6.85 3.29 0.97
CA ALA A 20 -5.45 3.78 0.93
C ALA A 20 -5.34 5.03 1.79
N ALA A 21 -6.13 6.03 1.51
CA ALA A 21 -6.10 7.27 2.33
C ALA A 21 -5.86 6.91 3.79
N VAL A 22 -6.63 5.99 4.28
CA VAL A 22 -6.51 5.54 5.69
C VAL A 22 -5.09 5.03 5.99
N ILE A 23 -4.69 3.94 5.38
CA ILE A 23 -3.32 3.40 5.65
C ILE A 23 -2.25 4.33 5.07
N PHE A 24 -2.33 4.62 3.79
CA PHE A 24 -1.34 5.52 3.13
C PHE A 24 -0.78 6.51 4.13
N ILE A 25 -1.63 7.00 5.01
CA ILE A 25 -1.13 7.95 6.05
C ILE A 25 -0.40 7.15 7.13
N TYR A 26 -1.04 6.17 7.71
CA TYR A 26 -0.34 5.35 8.74
C TYR A 26 0.86 4.69 8.05
N PHE A 27 0.58 3.80 7.14
CA PHE A 27 1.66 3.13 6.38
C PHE A 27 2.76 4.15 6.04
N ALA A 28 2.36 5.33 5.66
CA ALA A 28 3.35 6.39 5.29
C ALA A 28 4.37 6.60 6.42
N ALA A 29 3.89 6.80 7.61
CA ALA A 29 4.79 7.05 8.76
C ALA A 29 5.87 5.96 8.85
N LEU A 30 5.46 4.74 8.98
CA LEU A 30 6.44 3.63 9.11
C LEU A 30 6.53 2.82 7.83
N SER A 31 6.47 3.46 6.69
CA SER A 31 6.55 2.70 5.42
C SER A 31 8.00 2.57 4.94
N PRO A 32 8.64 3.71 4.77
CA PRO A 32 10.04 3.87 4.28
C PRO A 32 11.06 3.94 5.43
N ALA A 33 10.61 4.20 6.62
CA ALA A 33 11.56 4.32 7.76
C ALA A 33 12.31 3.00 7.98
N ILE A 34 11.61 1.90 8.05
CA ILE A 34 12.30 0.60 8.29
C ILE A 34 13.00 0.10 7.02
N THR A 35 12.39 0.27 5.88
CA THR A 35 13.03 -0.22 4.62
C THR A 35 13.89 0.88 4.01
N PHE A 36 14.43 1.76 4.80
CA PHE A 36 15.29 2.84 4.24
C PHE A 36 16.75 2.36 4.17
N GLY A 37 17.22 2.02 3.00
CA GLY A 37 18.64 1.55 2.88
C GLY A 37 18.68 0.20 2.15
N GLY A 38 19.18 0.17 0.95
CA GLY A 38 19.27 -1.11 0.19
C GLY A 38 18.41 -1.03 -1.08
N LEU A 39 17.27 -0.40 -1.01
CA LEU A 39 16.39 -0.30 -2.20
C LEU A 39 17.19 0.25 -3.39
N LEU A 40 17.38 -0.55 -4.40
CA LEU A 40 18.15 -0.08 -5.59
C LEU A 40 17.18 0.25 -6.73
N GLY A 41 15.91 0.37 -6.42
CA GLY A 41 14.91 0.68 -7.48
C GLY A 41 13.66 -0.20 -7.28
N GLU A 42 12.51 0.40 -7.21
CA GLU A 42 11.26 -0.40 -7.00
C GLU A 42 10.90 -1.14 -8.28
N LYS A 43 10.62 -0.42 -9.34
CA LYS A 43 10.24 -1.10 -10.62
C LYS A 43 10.57 -0.18 -11.80
C ACE A 1 1.48 -12.42 4.34
O ACE A 1 1.23 -13.08 5.33
CH3 ACE A 1 2.05 -13.06 3.08
H1 ACE A 1 2.27 -14.10 3.27
H2 ACE A 1 2.96 -12.54 2.80
H3 ACE A 1 1.34 -12.98 2.27
N ARG A 2 1.24 -11.14 4.31
CA ARG A 2 0.67 -10.45 5.51
C ARG A 2 -0.77 -10.03 5.22
N TYR A 3 -0.96 -9.04 4.39
CA TYR A 3 -2.34 -8.58 4.07
C TYR A 3 -2.28 -7.50 2.99
N PRO A 4 -1.73 -7.85 1.85
CA PRO A 4 -1.56 -6.98 0.65
C PRO A 4 -2.75 -7.10 -0.30
N TYR A 5 -2.96 -8.27 -0.85
CA TYR A 5 -4.10 -8.47 -1.79
C TYR A 5 -5.41 -8.63 -1.02
N TYR A 6 -5.34 -9.04 0.22
CA TYR A 6 -6.59 -9.23 1.02
C TYR A 6 -7.16 -7.88 1.44
N LEU A 7 -6.34 -6.99 1.91
CA LEU A 7 -6.85 -5.66 2.37
C LEU A 7 -6.96 -4.71 1.18
N SER A 8 -6.02 -4.73 0.29
CA SER A 8 -6.05 -3.83 -0.89
C SER A 8 -6.92 -4.42 -2.00
N ASP A 9 -7.86 -5.26 -1.66
CA ASP A 9 -8.73 -5.87 -2.71
C ASP A 9 -9.96 -4.99 -2.92
N ILE A 10 -10.84 -4.92 -1.95
CA ILE A 10 -12.07 -4.11 -2.12
C ILE A 10 -11.82 -2.67 -1.64
N THR A 11 -10.88 -2.47 -0.76
CA THR A 11 -10.60 -1.11 -0.26
C THR A 11 -10.07 -0.22 -1.39
N ASP A 12 -9.37 -0.79 -2.33
CA ASP A 12 -8.83 0.02 -3.46
C ASP A 12 -9.96 0.38 -4.43
N ALA A 13 -11.13 -0.14 -4.20
CA ALA A 13 -12.27 0.16 -5.12
C ALA A 13 -12.92 1.49 -4.70
N PHE A 14 -13.42 1.56 -3.50
CA PHE A 14 -14.08 2.81 -3.04
C PHE A 14 -13.03 3.82 -2.58
N SER A 15 -11.77 3.52 -2.75
CA SER A 15 -10.72 4.47 -2.32
C SER A 15 -9.50 4.35 -3.24
N PRO A 16 -9.63 4.91 -4.42
CA PRO A 16 -8.60 4.96 -5.49
C PRO A 16 -7.76 6.23 -5.37
N GLN A 17 -8.36 7.36 -5.65
CA GLN A 17 -7.62 8.64 -5.55
C GLN A 17 -7.08 8.78 -4.12
N VAL A 18 -7.94 8.58 -3.16
CA VAL A 18 -7.50 8.67 -1.75
C VAL A 18 -6.42 7.62 -1.48
N LEU A 19 -6.39 6.58 -2.27
CA LEU A 19 -5.34 5.55 -2.04
C LEU A 19 -3.96 6.21 -2.16
N ALA A 20 -3.72 6.88 -3.26
CA ALA A 20 -2.40 7.57 -3.44
C ALA A 20 -2.16 8.55 -2.29
N ALA A 21 -3.08 9.43 -2.07
CA ALA A 21 -2.94 10.44 -0.98
C ALA A 21 -2.50 9.74 0.31
N VAL A 22 -3.25 8.78 0.73
CA VAL A 22 -2.93 8.04 1.98
C VAL A 22 -1.51 7.48 1.91
N ILE A 23 -1.12 6.97 0.77
CA ILE A 23 0.25 6.39 0.64
C ILE A 23 1.29 7.50 0.62
N PHE A 24 0.90 8.70 0.29
CA PHE A 24 1.87 9.82 0.27
C PHE A 24 2.37 10.03 1.69
N ILE A 25 1.48 10.19 2.62
CA ILE A 25 1.89 10.36 4.04
C ILE A 25 2.36 9.00 4.55
N TYR A 26 1.84 7.93 3.99
CA TYR A 26 2.28 6.58 4.42
C TYR A 26 3.70 6.39 3.93
N PHE A 27 4.09 7.17 2.95
CA PHE A 27 5.47 7.09 2.41
C PHE A 27 6.37 7.92 3.31
N ALA A 28 5.90 9.09 3.66
CA ALA A 28 6.68 9.98 4.56
C ALA A 28 7.14 9.18 5.76
N ALA A 29 6.21 8.52 6.40
CA ALA A 29 6.53 7.70 7.60
C ALA A 29 7.24 6.41 7.17
N LEU A 30 6.78 5.83 6.11
CA LEU A 30 7.37 4.54 5.61
C LEU A 30 8.86 4.68 5.24
N SER A 31 9.43 5.85 5.39
CA SER A 31 10.87 6.04 5.04
C SER A 31 11.67 4.77 5.37
N PRO A 32 11.49 4.28 6.56
CA PRO A 32 12.14 3.07 7.15
C PRO A 32 11.31 1.80 6.89
N ALA A 33 10.04 1.95 6.68
CA ALA A 33 9.16 0.77 6.45
C ALA A 33 9.26 0.30 5.01
N ILE A 34 9.99 0.99 4.20
CA ILE A 34 10.10 0.59 2.78
C ILE A 34 10.25 -0.94 2.64
N THR A 35 10.78 -1.60 3.65
CA THR A 35 10.94 -3.09 3.53
C THR A 35 9.62 -3.77 3.87
N PHE A 36 8.89 -3.26 4.83
CA PHE A 36 7.58 -3.86 5.19
C PHE A 36 6.75 -4.03 3.90
N GLY A 37 6.92 -3.15 2.96
CA GLY A 37 6.15 -3.26 1.68
C GLY A 37 7.04 -3.81 0.58
N GLY A 38 7.21 -5.10 0.52
CA GLY A 38 8.06 -5.69 -0.55
C GLY A 38 7.32 -6.86 -1.22
N LEU A 39 6.10 -7.09 -0.83
CA LEU A 39 5.32 -8.21 -1.43
C LEU A 39 4.66 -7.74 -2.73
N LEU A 40 4.99 -6.57 -3.18
CA LEU A 40 4.38 -6.06 -4.45
C LEU A 40 5.08 -6.70 -5.65
N GLY A 41 6.34 -6.39 -5.84
CA GLY A 41 7.07 -6.99 -7.00
C GLY A 41 6.80 -8.49 -7.05
N GLU A 42 6.62 -9.03 -8.22
CA GLU A 42 6.35 -10.49 -8.34
C GLU A 42 7.63 -11.28 -8.05
N LYS A 43 8.75 -10.60 -8.01
CA LYS A 43 10.04 -11.30 -7.73
C LYS A 43 10.27 -11.36 -6.22
C ACE A 1 -2.57 -21.11 -6.64
O ACE A 1 -1.38 -21.36 -6.66
CH3 ACE A 1 -3.61 -22.23 -6.54
H1 ACE A 1 -4.60 -21.82 -6.71
H2 ACE A 1 -3.56 -22.68 -5.56
H3 ACE A 1 -3.40 -22.98 -7.30
N ARG A 2 -3.01 -19.88 -6.73
CA ARG A 2 -2.04 -18.76 -6.82
C ARG A 2 -2.21 -17.83 -5.62
N TYR A 3 -3.23 -17.00 -5.60
CA TYR A 3 -3.45 -16.07 -4.47
C TYR A 3 -2.11 -15.54 -3.94
N PRO A 4 -1.66 -14.47 -4.55
CA PRO A 4 -0.38 -13.76 -4.24
C PRO A 4 -0.58 -12.73 -3.12
N TYR A 5 -1.27 -11.66 -3.41
CA TYR A 5 -1.50 -10.61 -2.37
C TYR A 5 -2.56 -11.09 -1.37
N TYR A 6 -3.52 -11.84 -1.82
CA TYR A 6 -4.59 -12.35 -0.91
C TYR A 6 -3.98 -12.79 0.41
N LEU A 7 -2.88 -13.48 0.34
CA LEU A 7 -2.22 -13.97 1.59
C LEU A 7 -1.59 -12.81 2.37
N SER A 8 -1.01 -11.87 1.70
CA SER A 8 -0.35 -10.73 2.41
C SER A 8 -1.37 -9.88 3.18
N ASP A 9 -2.65 -10.03 2.92
CA ASP A 9 -3.64 -9.20 3.65
C ASP A 9 -4.11 -9.91 4.92
N ILE A 10 -4.81 -11.00 4.76
CA ILE A 10 -5.33 -11.75 5.93
C ILE A 10 -4.29 -11.75 7.06
N THR A 11 -3.05 -11.92 6.72
CA THR A 11 -1.99 -11.94 7.77
C THR A 11 -1.71 -10.52 8.25
N ASP A 12 -1.64 -9.58 7.35
CA ASP A 12 -1.36 -8.17 7.77
C ASP A 12 -2.64 -7.52 8.32
N ALA A 13 -3.69 -8.28 8.45
CA ALA A 13 -4.96 -7.70 8.98
C ALA A 13 -4.94 -7.74 10.50
N PHE A 14 -4.12 -8.58 11.08
CA PHE A 14 -4.06 -8.65 12.56
C PHE A 14 -3.15 -7.54 13.10
N SER A 15 -2.68 -6.68 12.23
CA SER A 15 -1.81 -5.55 12.66
C SER A 15 -2.48 -4.23 12.24
N PRO A 16 -3.34 -3.76 13.10
CA PRO A 16 -4.14 -2.49 12.94
C PRO A 16 -3.34 -1.30 13.44
N GLN A 17 -2.99 -1.30 14.70
CA GLN A 17 -2.21 -0.16 15.26
C GLN A 17 -0.93 0.00 14.46
N VAL A 18 -0.41 -1.07 13.94
CA VAL A 18 0.85 -1.00 13.14
C VAL A 18 0.54 -0.73 11.66
N LEU A 19 -0.46 -1.35 11.11
CA LEU A 19 -0.76 -1.09 9.68
C LEU A 19 -1.00 0.40 9.49
N ALA A 20 -1.93 0.95 10.22
CA ALA A 20 -2.21 2.40 10.10
C ALA A 20 -0.93 3.19 10.34
N ALA A 21 -0.29 2.98 11.45
CA ALA A 21 0.97 3.72 11.75
C ALA A 21 1.84 3.79 10.49
N VAL A 22 2.08 2.66 9.90
CA VAL A 22 2.92 2.60 8.67
C VAL A 22 2.47 3.65 7.66
N ILE A 23 1.21 3.63 7.30
CA ILE A 23 0.72 4.62 6.29
C ILE A 23 0.84 6.05 6.82
N PHE A 24 0.27 6.33 7.97
CA PHE A 24 0.34 7.69 8.55
C PHE A 24 1.66 8.36 8.16
N ILE A 25 2.72 7.59 8.09
CA ILE A 25 4.03 8.18 7.68
C ILE A 25 4.03 8.39 6.17
N TYR A 26 3.74 7.37 5.40
CA TYR A 26 3.72 7.56 3.91
C TYR A 26 2.70 8.65 3.62
N PHE A 27 1.46 8.39 3.92
CA PHE A 27 0.38 9.39 3.71
C PHE A 27 0.91 10.78 4.09
N ALA A 28 1.82 10.81 5.02
CA ALA A 28 2.38 12.11 5.49
C ALA A 28 3.11 12.84 4.36
N ALA A 29 4.16 12.26 3.84
CA ALA A 29 4.95 12.96 2.77
C ALA A 29 4.46 12.61 1.35
N LEU A 30 4.63 11.38 0.94
CA LEU A 30 4.24 10.98 -0.45
C LEU A 30 2.80 10.48 -0.48
N SER A 31 1.95 11.08 0.29
CA SER A 31 0.53 10.62 0.30
C SER A 31 -0.01 10.44 -1.13
N PRO A 32 -0.06 11.52 -1.88
CA PRO A 32 -0.57 11.60 -3.29
C PRO A 32 0.58 11.55 -4.31
N ALA A 33 1.79 11.48 -3.85
CA ALA A 33 2.94 11.46 -4.80
C ALA A 33 2.90 10.23 -5.69
N ILE A 34 2.92 9.06 -5.10
CA ILE A 34 2.91 7.81 -5.90
C ILE A 34 1.61 7.71 -6.72
N THR A 35 0.56 8.38 -6.30
CA THR A 35 -0.71 8.29 -7.06
C THR A 35 -0.76 9.38 -8.14
N PHE A 36 0.03 10.40 -8.01
CA PHE A 36 0.01 11.48 -9.03
C PHE A 36 1.03 11.18 -10.14
N GLY A 37 0.76 11.61 -11.34
CA GLY A 37 1.70 11.36 -12.47
C GLY A 37 1.21 10.17 -13.30
N GLY A 38 1.01 10.36 -14.57
CA GLY A 38 0.53 9.25 -15.44
C GLY A 38 1.70 8.74 -16.29
N LEU A 39 2.91 9.05 -15.90
CA LEU A 39 4.10 8.60 -16.69
C LEU A 39 4.26 7.08 -16.54
N LEU A 40 3.62 6.50 -15.56
CA LEU A 40 3.76 5.02 -15.37
C LEU A 40 3.31 4.29 -16.65
N GLY A 41 2.25 4.75 -17.25
CA GLY A 41 1.76 4.08 -18.49
C GLY A 41 0.30 3.66 -18.32
N GLU A 42 -0.44 4.37 -17.51
CA GLU A 42 -1.87 4.01 -17.30
C GLU A 42 -2.64 4.21 -18.61
N LYS A 43 -2.11 4.99 -19.51
CA LYS A 43 -2.80 5.22 -20.80
C LYS A 43 -2.58 4.01 -21.72
C ACE A 1 3.28 -12.83 4.15
O ACE A 1 3.62 -12.08 3.23
CH3 ACE A 1 4.16 -13.02 5.38
H1 ACE A 1 4.53 -14.03 5.40
H2 ACE A 1 3.57 -12.83 6.26
H3 ACE A 1 4.98 -12.32 5.35
N ARG A 2 2.16 -13.48 4.08
CA ARG A 2 1.27 -13.35 2.91
C ARG A 2 -0.19 -13.27 3.38
N TYR A 3 -0.94 -12.34 2.87
CA TYR A 3 -2.36 -12.21 3.29
C TYR A 3 -3.27 -12.65 2.13
N PRO A 4 -3.83 -13.83 2.28
CA PRO A 4 -4.75 -14.49 1.30
C PRO A 4 -6.19 -14.04 1.54
N TYR A 5 -6.57 -13.82 2.77
CA TYR A 5 -7.97 -13.38 3.06
C TYR A 5 -8.07 -11.87 2.93
N TYR A 6 -6.97 -11.17 3.02
CA TYR A 6 -7.01 -9.69 2.92
C TYR A 6 -7.17 -9.27 1.45
N LEU A 7 -6.41 -9.87 0.58
CA LEU A 7 -6.49 -9.52 -0.86
C LEU A 7 -7.60 -10.32 -1.54
N SER A 8 -7.73 -11.58 -1.21
CA SER A 8 -8.78 -12.42 -1.87
C SER A 8 -10.15 -12.19 -1.22
N ASP A 9 -10.32 -11.14 -0.47
CA ASP A 9 -11.65 -10.90 0.16
C ASP A 9 -12.52 -10.08 -0.81
N ILE A 10 -12.77 -8.84 -0.51
CA ILE A 10 -13.61 -8.00 -1.42
C ILE A 10 -12.70 -7.31 -2.44
N THR A 11 -11.49 -7.04 -2.08
CA THR A 11 -10.55 -6.37 -3.02
C THR A 11 -9.79 -7.43 -3.82
N ASP A 12 -10.41 -8.56 -4.07
CA ASP A 12 -9.72 -9.64 -4.84
C ASP A 12 -9.67 -9.27 -6.32
N ALA A 13 -10.79 -9.27 -6.98
CA ALA A 13 -10.80 -8.93 -8.43
C ALA A 13 -11.37 -7.52 -8.62
N PHE A 14 -11.52 -6.79 -7.56
CA PHE A 14 -12.07 -5.41 -7.69
C PHE A 14 -11.00 -4.49 -8.29
N SER A 15 -9.92 -4.29 -7.58
CA SER A 15 -8.84 -3.42 -8.11
C SER A 15 -7.49 -4.01 -7.68
N PRO A 16 -7.08 -5.04 -8.38
CA PRO A 16 -5.81 -5.80 -8.16
C PRO A 16 -4.68 -5.23 -9.02
N GLN A 17 -4.80 -5.35 -10.31
CA GLN A 17 -3.72 -4.83 -11.20
C GLN A 17 -3.55 -3.33 -10.95
N VAL A 18 -4.64 -2.61 -10.81
CA VAL A 18 -4.55 -1.15 -10.56
C VAL A 18 -4.09 -0.92 -9.13
N LEU A 19 -4.21 -1.90 -8.29
CA LEU A 19 -3.77 -1.72 -6.88
C LEU A 19 -2.25 -1.54 -6.86
N ALA A 20 -1.54 -2.36 -7.57
CA ALA A 20 -0.06 -2.23 -7.60
C ALA A 20 0.32 -0.97 -8.38
N ALA A 21 -0.18 -0.85 -9.57
CA ALA A 21 0.11 0.34 -10.41
C ALA A 21 -0.09 1.61 -9.57
N VAL A 22 -1.25 1.77 -9.03
CA VAL A 22 -1.57 2.97 -8.21
C VAL A 22 -0.49 3.15 -7.15
N ILE A 23 -0.15 2.11 -6.44
CA ILE A 23 0.89 2.22 -5.38
C ILE A 23 2.24 2.59 -6.00
N PHE A 24 2.47 2.25 -7.22
CA PHE A 24 3.77 2.60 -7.84
C PHE A 24 3.86 4.12 -7.92
N ILE A 25 2.77 4.77 -8.19
CA ILE A 25 2.77 6.25 -8.25
C ILE A 25 2.86 6.82 -6.84
N TYR A 26 2.14 6.25 -5.90
CA TYR A 26 2.23 6.76 -4.51
C TYR A 26 3.68 6.58 -4.07
N PHE A 27 4.11 5.36 -3.99
CA PHE A 27 5.53 5.03 -3.63
C PHE A 27 6.45 6.07 -4.27
N ALA A 28 6.04 6.58 -5.39
CA ALA A 28 6.87 7.57 -6.13
C ALA A 28 6.83 8.96 -5.48
N ALA A 29 5.65 9.50 -5.27
CA ALA A 29 5.59 10.90 -4.73
C ALA A 29 5.51 10.95 -3.20
N LEU A 30 4.33 10.92 -2.66
CA LEU A 30 4.17 11.06 -1.18
C LEU A 30 3.80 9.75 -0.49
N SER A 31 4.29 8.65 -0.95
CA SER A 31 3.94 7.37 -0.27
C SER A 31 4.65 7.30 1.09
N PRO A 32 5.91 7.60 1.08
CA PRO A 32 6.83 7.61 2.26
C PRO A 32 6.78 8.97 2.97
N ALA A 33 5.77 9.75 2.69
CA ALA A 33 5.65 11.08 3.36
C ALA A 33 4.86 10.93 4.66
N ILE A 34 3.66 10.43 4.59
CA ILE A 34 2.85 10.25 5.83
C ILE A 34 3.32 9.00 6.56
N THR A 35 3.42 7.89 5.89
CA THR A 35 3.87 6.63 6.55
C THR A 35 5.35 6.75 6.92
N PHE A 36 6.00 7.81 6.51
CA PHE A 36 7.44 7.98 6.84
C PHE A 36 7.69 7.58 8.29
N GLY A 37 8.69 6.78 8.53
CA GLY A 37 9.00 6.35 9.93
C GLY A 37 9.54 7.54 10.72
N GLY A 38 8.67 8.33 11.28
CA GLY A 38 9.14 9.51 12.07
C GLY A 38 8.31 9.62 13.35
N LEU A 39 7.53 8.64 13.66
CA LEU A 39 6.70 8.69 14.90
C LEU A 39 7.61 8.83 16.11
N LEU A 40 7.07 8.76 17.30
CA LEU A 40 7.91 8.88 18.52
C LEU A 40 8.08 7.51 19.16
N GLY A 41 8.22 6.48 18.36
CA GLY A 41 8.40 5.12 18.93
C GLY A 41 9.67 4.48 18.34
N GLU A 42 10.41 5.22 17.57
CA GLU A 42 11.65 4.65 16.96
C GLU A 42 12.78 4.66 18.01
N LYS A 43 12.87 5.72 18.78
CA LYS A 43 13.94 5.80 19.81
C LYS A 43 13.36 6.35 21.11
C ACE A 1 -3.81 -21.02 -3.74
O ACE A 1 -3.27 -20.54 -2.77
CH3 ACE A 1 -4.51 -22.39 -3.67
H1 ACE A 1 -5.38 -22.38 -4.30
H2 ACE A 1 -4.81 -22.58 -2.65
H3 ACE A 1 -3.83 -23.15 -4.00
N ARG A 2 -3.84 -20.39 -4.88
CA ARG A 2 -3.18 -19.06 -5.02
C ARG A 2 -4.22 -18.03 -5.47
N TYR A 3 -4.99 -17.51 -4.57
CA TYR A 3 -6.02 -16.50 -4.94
C TYR A 3 -6.34 -15.63 -3.73
N PRO A 4 -5.45 -14.71 -3.46
CA PRO A 4 -5.51 -13.73 -2.33
C PRO A 4 -6.32 -12.49 -2.74
N TYR A 5 -5.93 -11.83 -3.80
CA TYR A 5 -6.67 -10.62 -4.25
C TYR A 5 -8.15 -10.97 -4.40
N TYR A 6 -8.46 -12.22 -4.57
CA TYR A 6 -9.89 -12.63 -4.72
C TYR A 6 -10.67 -12.21 -3.48
N LEU A 7 -10.12 -12.45 -2.31
CA LEU A 7 -10.84 -12.06 -1.07
C LEU A 7 -10.81 -10.54 -0.92
N SER A 8 -9.76 -9.93 -1.39
CA SER A 8 -9.62 -8.44 -1.28
C SER A 8 -10.80 -7.73 -1.98
N ASP A 9 -11.63 -8.45 -2.70
CA ASP A 9 -12.76 -7.78 -3.40
C ASP A 9 -13.59 -6.93 -2.42
N ILE A 10 -14.59 -7.51 -1.83
CA ILE A 10 -15.46 -6.73 -0.88
C ILE A 10 -14.72 -6.38 0.41
N THR A 11 -13.69 -7.11 0.76
CA THR A 11 -12.97 -6.77 2.02
C THR A 11 -12.28 -5.41 1.90
N ASP A 12 -12.28 -4.84 0.73
CA ASP A 12 -11.61 -3.51 0.55
C ASP A 12 -12.61 -2.38 0.79
N ALA A 13 -13.84 -2.70 1.09
CA ALA A 13 -14.86 -1.64 1.32
C ALA A 13 -14.94 -1.30 2.81
N PHE A 14 -14.47 -2.18 3.66
CA PHE A 14 -14.52 -1.92 5.12
C PHE A 14 -13.31 -1.07 5.53
N SER A 15 -12.27 -1.08 4.75
CA SER A 15 -11.07 -0.28 5.10
C SER A 15 -10.43 0.31 3.85
N PRO A 16 -11.17 1.13 3.16
CA PRO A 16 -10.78 1.84 1.90
C PRO A 16 -10.16 3.20 2.24
N GLN A 17 -10.92 4.09 2.80
CA GLN A 17 -10.38 5.42 3.16
C GLN A 17 -9.24 5.25 4.16
N VAL A 18 -9.27 4.19 4.93
CA VAL A 18 -8.19 3.94 5.92
C VAL A 18 -6.91 3.52 5.20
N LEU A 19 -7.04 2.92 4.05
CA LEU A 19 -5.81 2.50 3.29
C LEU A 19 -5.06 3.75 2.86
N ALA A 20 -5.74 4.65 2.19
CA ALA A 20 -5.09 5.92 1.76
C ALA A 20 -4.40 6.54 2.97
N ALA A 21 -5.11 6.60 4.05
CA ALA A 21 -4.54 7.18 5.31
C ALA A 21 -3.20 6.50 5.62
N VAL A 22 -3.21 5.21 5.70
CA VAL A 22 -1.94 4.47 5.99
C VAL A 22 -0.83 4.99 5.07
N ILE A 23 -1.17 5.41 3.89
CA ILE A 23 -0.14 5.92 2.95
C ILE A 23 0.24 7.35 3.34
N PHE A 24 -0.69 8.13 3.79
CA PHE A 24 -0.37 9.52 4.20
C PHE A 24 0.66 9.46 5.32
N ILE A 25 0.45 8.58 6.27
CA ILE A 25 1.44 8.45 7.39
C ILE A 25 2.67 7.71 6.86
N TYR A 26 2.47 6.83 5.91
CA TYR A 26 3.63 6.10 5.34
C TYR A 26 4.47 7.12 4.57
N PHE A 27 3.87 8.24 4.23
CA PHE A 27 4.60 9.30 3.51
C PHE A 27 5.31 10.17 4.55
N ALA A 28 4.65 10.41 5.64
CA ALA A 28 5.24 11.23 6.73
C ALA A 28 6.64 10.71 7.08
N ALA A 29 6.74 9.44 7.31
CA ALA A 29 8.07 8.83 7.67
C ALA A 29 8.96 8.71 6.43
N LEU A 30 8.42 8.19 5.37
CA LEU A 30 9.22 7.98 4.12
C LEU A 30 9.66 9.32 3.49
N SER A 31 9.37 10.43 4.10
CA SER A 31 9.76 11.74 3.48
C SER A 31 11.21 11.69 2.99
N PRO A 32 12.12 11.34 3.86
CA PRO A 32 13.60 11.25 3.63
C PRO A 32 14.02 9.84 3.19
N ALA A 33 13.20 8.85 3.40
CA ALA A 33 13.60 7.47 3.00
C ALA A 33 13.44 7.29 1.48
N ILE A 34 12.53 8.02 0.88
CA ILE A 34 12.33 7.88 -0.59
C ILE A 34 13.67 8.08 -1.32
N THR A 35 14.48 8.99 -0.87
CA THR A 35 15.79 9.23 -1.54
C THR A 35 16.87 8.35 -0.91
N PHE A 36 16.63 7.86 0.28
CA PHE A 36 17.66 7.00 0.94
C PHE A 36 17.61 5.58 0.36
N GLY A 37 16.89 4.69 1.00
CA GLY A 37 16.81 3.29 0.50
C GLY A 37 15.47 3.06 -0.20
N GLY A 38 15.19 1.84 -0.58
CA GLY A 38 13.89 1.55 -1.27
C GLY A 38 14.17 0.82 -2.59
N LEU A 39 14.37 -0.47 -2.53
CA LEU A 39 14.65 -1.23 -3.79
C LEU A 39 13.63 -0.81 -4.86
N LEU A 40 14.04 -0.84 -6.11
CA LEU A 40 13.11 -0.44 -7.20
C LEU A 40 12.30 -1.65 -7.65
N GLY A 41 12.92 -2.58 -8.33
CA GLY A 41 12.17 -3.77 -8.80
C GLY A 41 10.84 -3.32 -9.40
N GLU A 42 9.84 -4.16 -9.36
CA GLU A 42 8.53 -3.75 -9.94
C GLU A 42 7.89 -2.68 -9.05
N LYS A 43 8.41 -2.50 -7.86
CA LYS A 43 7.85 -1.47 -6.94
C LYS A 43 6.40 -1.84 -6.59
C ACE A 1 3.82 -14.15 -1.45
O ACE A 1 3.06 -15.00 -1.03
CH3 ACE A 1 4.89 -14.46 -2.50
H1 ACE A 1 4.91 -13.67 -3.23
H2 ACE A 1 4.63 -15.40 -2.99
H3 ACE A 1 5.84 -14.56 -2.02
N ARG A 2 3.75 -12.92 -1.01
CA ARG A 2 2.74 -12.54 0.02
C ARG A 2 2.51 -11.02 -0.03
N TYR A 3 2.70 -10.43 -1.18
CA TYR A 3 2.50 -8.95 -1.29
C TYR A 3 1.01 -8.63 -1.17
N PRO A 4 0.22 -9.33 -1.94
CA PRO A 4 -1.28 -9.20 -2.02
C PRO A 4 -1.96 -10.07 -0.96
N TYR A 5 -1.40 -11.22 -0.66
CA TYR A 5 -2.04 -12.10 0.37
C TYR A 5 -1.90 -11.46 1.75
N TYR A 6 -1.10 -10.45 1.87
CA TYR A 6 -0.93 -9.78 3.20
C TYR A 6 -2.16 -8.92 3.51
N LEU A 7 -2.40 -7.91 2.74
CA LEU A 7 -3.57 -7.03 2.98
C LEU A 7 -4.87 -7.76 2.61
N SER A 8 -4.83 -8.53 1.56
CA SER A 8 -6.05 -9.26 1.12
C SER A 8 -6.22 -10.55 1.95
N ASP A 9 -5.63 -10.62 3.11
CA ASP A 9 -5.77 -11.85 3.94
C ASP A 9 -7.10 -11.81 4.70
N ILE A 10 -7.24 -10.89 5.61
CA ILE A 10 -8.50 -10.80 6.40
C ILE A 10 -9.49 -9.87 5.69
N THR A 11 -9.01 -8.82 5.11
CA THR A 11 -9.90 -7.85 4.41
C THR A 11 -10.21 -8.34 2.99
N ASP A 12 -10.11 -9.63 2.74
CA ASP A 12 -10.40 -10.15 1.38
C ASP A 12 -11.91 -10.04 1.11
N ALA A 13 -12.73 -10.49 2.01
CA ALA A 13 -14.20 -10.41 1.79
C ALA A 13 -14.81 -9.31 2.66
N PHE A 14 -14.09 -8.85 3.64
CA PHE A 14 -14.64 -7.79 4.54
C PHE A 14 -14.45 -6.41 3.91
N SER A 15 -13.23 -6.03 3.67
CA SER A 15 -12.98 -4.69 3.05
C SER A 15 -12.17 -4.85 1.77
N PRO A 16 -12.88 -5.04 0.69
CA PRO A 16 -12.35 -5.23 -0.70
C PRO A 16 -12.23 -3.88 -1.39
N GLN A 17 -13.34 -3.21 -1.62
CA GLN A 17 -13.28 -1.89 -2.29
C GLN A 17 -12.34 -0.99 -1.49
N VAL A 18 -12.64 -0.77 -0.25
CA VAL A 18 -11.77 0.08 0.60
C VAL A 18 -10.35 -0.44 0.49
N LEU A 19 -10.18 -1.69 0.17
CA LEU A 19 -8.81 -2.25 0.02
C LEU A 19 -8.11 -1.53 -1.12
N ALA A 20 -8.73 -1.50 -2.27
CA ALA A 20 -8.12 -0.81 -3.44
C ALA A 20 -7.81 0.64 -3.05
N ALA A 21 -8.80 1.31 -2.51
CA ALA A 21 -8.61 2.73 -2.10
C ALA A 21 -7.32 2.87 -1.28
N VAL A 22 -7.21 2.11 -0.24
CA VAL A 22 -6.00 2.17 0.62
C VAL A 22 -4.75 1.94 -0.23
N ILE A 23 -4.82 1.04 -1.18
CA ILE A 23 -3.64 0.76 -2.03
C ILE A 23 -3.38 1.96 -2.93
N PHE A 24 -4.39 2.73 -3.23
CA PHE A 24 -4.19 3.92 -4.10
C PHE A 24 -3.22 4.85 -3.39
N ILE A 25 -3.37 5.00 -2.10
CA ILE A 25 -2.45 5.88 -1.34
C ILE A 25 -1.09 5.19 -1.23
N TYR A 26 -1.08 3.91 -0.98
CA TYR A 26 0.21 3.18 -0.89
C TYR A 26 0.93 3.31 -2.24
N PHE A 27 0.18 3.56 -3.27
CA PHE A 27 0.75 3.72 -4.62
C PHE A 27 1.22 5.16 -4.79
N ALA A 28 0.56 6.05 -4.11
CA ALA A 28 0.90 7.49 -4.22
C ALA A 28 2.25 7.79 -3.54
N ALA A 29 2.36 7.56 -2.26
CA ALA A 29 3.62 7.89 -1.54
C ALA A 29 4.60 6.70 -1.50
N LEU A 30 4.22 5.61 -0.88
CA LEU A 30 5.14 4.45 -0.75
C LEU A 30 5.12 3.58 -2.01
N SER A 31 4.79 4.13 -3.13
CA SER A 31 4.79 3.31 -4.38
C SER A 31 6.17 2.70 -4.60
N PRO A 32 7.16 3.55 -4.56
CA PRO A 32 8.62 3.23 -4.76
C PRO A 32 9.31 3.01 -3.41
N ALA A 33 8.64 3.30 -2.34
CA ALA A 33 9.25 3.11 -0.99
C ALA A 33 10.00 1.78 -0.94
N ILE A 34 9.61 0.83 -1.74
CA ILE A 34 10.28 -0.50 -1.74
C ILE A 34 11.80 -0.33 -1.56
N THR A 35 12.50 0.08 -2.58
CA THR A 35 13.98 0.25 -2.45
C THR A 35 14.31 1.61 -1.85
N PHE A 36 13.46 2.59 -2.03
CA PHE A 36 13.75 3.93 -1.47
C PHE A 36 13.40 3.94 0.02
N GLY A 37 14.27 4.49 0.84
CA GLY A 37 13.99 4.54 2.30
C GLY A 37 14.67 5.77 2.90
N GLY A 38 13.94 6.83 3.10
CA GLY A 38 14.55 8.06 3.68
C GLY A 38 13.76 9.29 3.20
N LEU A 39 12.69 9.60 3.88
CA LEU A 39 11.88 10.78 3.47
C LEU A 39 12.48 12.06 4.05
N LEU A 40 12.55 13.09 3.27
CA LEU A 40 13.12 14.38 3.78
C LEU A 40 11.98 15.36 4.04
N GLY A 41 11.21 15.67 3.03
CA GLY A 41 10.09 16.62 3.21
C GLY A 41 9.06 16.41 2.09
N GLU A 42 7.80 16.62 2.36
CA GLU A 42 6.76 16.45 1.32
C GLU A 42 6.91 17.53 0.25
N LYS A 43 7.21 18.74 0.67
CA LYS A 43 7.37 19.85 -0.31
C LYS A 43 8.57 19.56 -1.21
C ACE A 1 -9.79 -16.42 -0.91
O ACE A 1 -10.98 -16.50 -0.71
CH3 ACE A 1 -9.09 -17.32 -1.94
H1 ACE A 1 -9.14 -18.35 -1.59
H2 ACE A 1 -8.06 -17.03 -2.03
H3 ACE A 1 -9.58 -17.24 -2.89
N ARG A 2 -9.04 -15.56 -0.26
CA ARG A 2 -9.67 -14.65 0.74
C ARG A 2 -10.11 -13.36 0.06
N TYR A 3 -10.51 -12.38 0.82
CA TYR A 3 -10.95 -11.10 0.19
C TYR A 3 -11.61 -10.20 1.24
N PRO A 4 -12.55 -10.76 1.95
CA PRO A 4 -13.37 -10.10 3.03
C PRO A 4 -12.63 -10.13 4.38
N TYR A 5 -11.82 -11.13 4.62
CA TYR A 5 -11.09 -11.20 5.92
C TYR A 5 -9.97 -10.17 5.94
N TYR A 6 -9.65 -9.60 4.82
CA TYR A 6 -8.55 -8.60 4.76
C TYR A 6 -8.97 -7.32 5.49
N LEU A 7 -10.12 -6.79 5.18
CA LEU A 7 -10.57 -5.54 5.85
C LEU A 7 -10.83 -5.81 7.33
N SER A 8 -11.43 -6.92 7.66
CA SER A 8 -11.71 -7.23 9.09
C SER A 8 -10.42 -7.08 9.91
N ASP A 9 -9.29 -7.35 9.31
CA ASP A 9 -8.00 -7.22 10.06
C ASP A 9 -7.62 -5.75 10.18
N ILE A 10 -7.96 -4.95 9.21
CA ILE A 10 -7.61 -3.50 9.27
C ILE A 10 -8.25 -2.85 10.51
N THR A 11 -9.23 -3.49 11.09
CA THR A 11 -9.90 -2.90 12.29
C THR A 11 -9.20 -3.36 13.58
N ASP A 12 -9.15 -4.65 13.80
CA ASP A 12 -8.51 -5.16 15.06
C ASP A 12 -7.03 -4.74 15.11
N ALA A 13 -6.34 -4.84 14.01
CA ALA A 13 -4.91 -4.43 14.00
C ALA A 13 -4.80 -3.05 13.36
N PHE A 14 -5.68 -2.17 13.74
CA PHE A 14 -5.67 -0.77 13.19
C PHE A 14 -4.22 -0.33 12.94
N SER A 15 -3.33 -0.74 13.80
CA SER A 15 -1.89 -0.36 13.64
C SER A 15 -1.75 1.03 13.04
N PRO A 16 -1.61 2.01 13.90
CA PRO A 16 -1.46 3.46 13.58
C PRO A 16 0.02 3.80 13.41
N GLN A 17 0.78 3.70 14.46
CA GLN A 17 2.24 4.00 14.35
C GLN A 17 2.83 3.13 13.24
N VAL A 18 2.58 1.85 13.30
CA VAL A 18 3.11 0.92 12.26
C VAL A 18 2.51 1.30 10.91
N LEU A 19 1.39 1.95 10.90
CA LEU A 19 0.77 2.35 9.60
C LEU A 19 1.77 3.20 8.82
N ALA A 20 2.21 4.28 9.40
CA ALA A 20 3.21 5.14 8.70
C ALA A 20 4.38 4.29 8.24
N ALA A 21 4.96 3.56 9.15
CA ALA A 21 6.11 2.69 8.79
C ALA A 21 5.81 1.93 7.49
N VAL A 22 4.69 1.28 7.46
CA VAL A 22 4.28 0.50 6.25
C VAL A 22 4.41 1.35 4.99
N ILE A 23 3.88 2.55 5.01
CA ILE A 23 3.97 3.41 3.80
C ILE A 23 5.42 3.83 3.57
N PHE A 24 6.22 3.87 4.60
CA PHE A 24 7.64 4.25 4.43
C PHE A 24 8.27 3.34 3.38
N ILE A 25 7.97 2.08 3.44
CA ILE A 25 8.54 1.14 2.43
C ILE A 25 7.82 1.33 1.10
N TYR A 26 6.52 1.44 1.10
CA TYR A 26 5.79 1.66 -0.18
C TYR A 26 6.34 2.93 -0.83
N PHE A 27 6.98 3.76 -0.04
CA PHE A 27 7.56 5.02 -0.56
C PHE A 27 9.00 4.75 -0.99
N ALA A 28 9.66 3.89 -0.27
CA ALA A 28 11.08 3.56 -0.60
C ALA A 28 11.15 2.64 -1.83
N ALA A 29 10.69 1.44 -1.68
CA ALA A 29 10.74 0.46 -2.82
C ALA A 29 9.98 1.01 -4.03
N LEU A 30 8.73 1.34 -3.85
CA LEU A 30 7.93 1.86 -4.99
C LEU A 30 8.13 3.36 -5.16
N SER A 31 9.25 3.88 -4.72
CA SER A 31 9.50 5.34 -4.86
C SER A 31 9.62 5.72 -6.34
N PRO A 32 10.43 4.98 -7.04
CA PRO A 32 10.75 5.13 -8.49
C PRO A 32 9.81 4.29 -9.36
N ALA A 33 8.97 3.49 -8.76
CA ALA A 33 8.04 2.65 -9.55
C ALA A 33 6.78 3.45 -9.89
N ILE A 34 6.44 4.40 -9.07
CA ILE A 34 5.22 5.22 -9.33
C ILE A 34 5.44 6.08 -10.57
N THR A 35 6.63 6.55 -10.79
CA THR A 35 6.90 7.40 -11.99
C THR A 35 7.24 6.50 -13.18
N PHE A 36 6.98 5.23 -13.07
CA PHE A 36 7.28 4.31 -14.20
C PHE A 36 6.06 4.22 -15.12
N GLY A 37 4.94 4.74 -14.69
CA GLY A 37 3.72 4.68 -15.55
C GLY A 37 2.98 3.38 -15.28
N GLY A 38 2.11 3.36 -14.31
CA GLY A 38 1.36 2.11 -14.00
C GLY A 38 -0.08 2.46 -13.61
N LEU A 39 -0.56 3.60 -14.04
CA LEU A 39 -1.96 3.99 -13.70
C LEU A 39 -2.92 3.23 -14.61
N LEU A 40 -2.97 3.58 -15.87
CA LEU A 40 -3.88 2.90 -16.81
C LEU A 40 -3.07 1.96 -17.72
N GLY A 41 -2.12 2.49 -18.44
CA GLY A 41 -1.30 1.64 -19.35
C GLY A 41 0.09 2.23 -19.51
N GLU A 42 0.56 2.36 -20.72
CA GLU A 42 1.93 2.93 -20.94
C GLU A 42 1.84 4.45 -21.01
N LYS A 43 1.36 4.99 -22.10
CA LYS A 43 1.26 6.48 -22.22
C LYS A 43 2.52 7.13 -21.68
C ACE A 1 4.54 -7.03 15.22
O ACE A 1 5.12 -6.46 14.32
CH3 ACE A 1 4.64 -6.55 16.67
H1 ACE A 1 3.78 -5.96 16.92
H2 ACE A 1 5.53 -5.96 16.79
H3 ACE A 1 4.69 -7.41 17.33
N ARG A 2 3.79 -8.08 14.99
CA ARG A 2 3.65 -8.60 13.60
C ARG A 2 2.44 -7.93 12.93
N TYR A 3 2.48 -7.80 11.64
CA TYR A 3 1.33 -7.17 10.92
C TYR A 3 0.99 -5.83 11.58
N PRO A 4 1.89 -4.90 11.44
CA PRO A 4 1.81 -3.51 11.98
C PRO A 4 1.07 -2.60 10.99
N TYR A 5 1.79 -2.00 10.07
CA TYR A 5 1.13 -1.11 9.08
C TYR A 5 0.24 -1.93 8.14
N TYR A 6 0.48 -3.22 8.06
CA TYR A 6 -0.34 -4.08 7.16
C TYR A 6 -1.79 -4.16 7.66
N LEU A 7 -1.99 -4.68 8.84
CA LEU A 7 -3.38 -4.81 9.38
C LEU A 7 -4.02 -3.44 9.56
N SER A 8 -3.38 -2.54 10.27
CA SER A 8 -3.98 -1.19 10.49
C SER A 8 -4.30 -0.51 9.15
N ASP A 9 -3.78 -1.02 8.06
CA ASP A 9 -4.07 -0.39 6.74
C ASP A 9 -5.32 -0.99 6.10
N ILE A 10 -5.43 -2.29 6.10
CA ILE A 10 -6.62 -2.94 5.48
C ILE A 10 -7.88 -2.65 6.29
N THR A 11 -7.76 -2.01 7.41
CA THR A 11 -8.98 -1.73 8.23
C THR A 11 -9.65 -0.42 7.79
N ASP A 12 -8.89 0.64 7.60
CA ASP A 12 -9.51 1.92 7.19
C ASP A 12 -9.52 2.00 5.66
N ALA A 13 -8.66 1.29 5.01
CA ALA A 13 -8.61 1.31 3.53
C ALA A 13 -9.19 -0.01 2.99
N PHE A 14 -10.26 -0.48 3.57
CA PHE A 14 -10.86 -1.75 3.10
C PHE A 14 -11.08 -1.66 1.59
N SER A 15 -11.86 -0.70 1.16
CA SER A 15 -12.15 -0.47 -0.30
C SER A 15 -11.87 -1.75 -1.11
N PRO A 16 -12.93 -2.41 -1.51
CA PRO A 16 -12.92 -3.67 -2.32
C PRO A 16 -12.95 -3.34 -3.80
N GLN A 17 -14.05 -2.83 -4.29
CA GLN A 17 -14.13 -2.47 -5.72
C GLN A 17 -12.99 -1.52 -6.05
N VAL A 18 -12.80 -0.54 -5.23
CA VAL A 18 -11.69 0.43 -5.45
C VAL A 18 -10.36 -0.31 -5.28
N LEU A 19 -10.32 -1.35 -4.51
CA LEU A 19 -9.05 -2.08 -4.34
C LEU A 19 -8.51 -2.43 -5.72
N ALA A 20 -9.35 -2.89 -6.60
CA ALA A 20 -8.90 -3.26 -7.98
C ALA A 20 -8.47 -2.00 -8.72
N ALA A 21 -9.30 -1.01 -8.73
CA ALA A 21 -8.96 0.26 -9.44
C ALA A 21 -7.64 0.81 -8.90
N VAL A 22 -7.63 1.16 -7.65
CA VAL A 22 -6.41 1.71 -7.00
C VAL A 22 -5.21 0.78 -7.22
N ILE A 23 -5.43 -0.50 -7.28
CA ILE A 23 -4.27 -1.42 -7.48
C ILE A 23 -3.87 -1.43 -8.95
N PHE A 24 -4.79 -1.14 -9.82
CA PHE A 24 -4.48 -1.12 -11.27
C PHE A 24 -3.36 -0.11 -11.49
N ILE A 25 -3.54 1.10 -11.03
CA ILE A 25 -2.46 2.12 -11.18
C ILE A 25 -1.29 1.73 -10.27
N TYR A 26 -1.57 1.20 -9.11
CA TYR A 26 -0.46 0.79 -8.22
C TYR A 26 0.30 -0.34 -8.90
N PHE A 27 -0.29 -0.92 -9.90
CA PHE A 27 0.36 -2.02 -10.65
C PHE A 27 1.16 -1.41 -11.81
N ALA A 28 0.72 -0.26 -12.23
CA ALA A 28 1.37 0.42 -13.38
C ALA A 28 2.58 1.25 -12.93
N ALA A 29 2.34 2.41 -12.40
CA ALA A 29 3.47 3.30 -11.98
C ALA A 29 3.90 3.09 -10.53
N LEU A 30 2.99 3.24 -9.60
CA LEU A 30 3.35 3.12 -8.15
C LEU A 30 3.72 1.69 -7.76
N SER A 31 3.86 0.79 -8.70
CA SER A 31 4.22 -0.61 -8.34
C SER A 31 5.34 -0.61 -7.30
N PRO A 32 6.36 0.15 -7.57
CA PRO A 32 7.60 0.33 -6.74
C PRO A 32 7.45 1.50 -5.77
N ALA A 33 6.48 2.36 -5.98
CA ALA A 33 6.29 3.52 -5.07
C ALA A 33 6.27 3.05 -3.61
N ILE A 34 5.97 1.79 -3.40
CA ILE A 34 5.91 1.23 -2.01
C ILE A 34 6.96 1.89 -1.12
N THR A 35 8.20 1.53 -1.27
CA THR A 35 9.27 2.13 -0.42
C THR A 35 9.50 3.60 -0.80
N PHE A 36 9.42 3.90 -2.07
CA PHE A 36 9.64 5.31 -2.51
C PHE A 36 8.42 6.16 -2.14
N GLY A 37 8.48 7.43 -2.43
CA GLY A 37 7.33 8.33 -2.10
C GLY A 37 6.98 8.21 -0.61
N GLY A 38 7.90 8.58 0.25
CA GLY A 38 7.62 8.48 1.71
C GLY A 38 8.59 7.49 2.35
N LEU A 39 9.74 7.95 2.74
CA LEU A 39 10.74 7.04 3.39
C LEU A 39 10.04 6.20 4.45
N LEU A 40 9.53 5.06 4.09
CA LEU A 40 8.83 4.19 5.08
C LEU A 40 9.72 2.99 5.44
N GLY A 41 11.01 3.15 5.41
CA GLY A 41 11.90 2.01 5.74
C GLY A 41 12.30 2.08 7.22
N GLU A 42 13.39 2.74 7.51
CA GLU A 42 13.85 2.84 8.92
C GLU A 42 12.75 3.48 9.77
N LYS A 43 12.27 4.62 9.38
CA LYS A 43 11.19 5.29 10.17
C LYS A 43 10.66 6.49 9.39
C ACE A 1 2.07 -6.37 8.79
O ACE A 1 2.88 -7.27 8.77
CH3 ACE A 1 2.00 -5.35 7.65
H1 ACE A 1 1.56 -5.80 6.78
H2 ACE A 1 2.99 -5.00 7.42
H3 ACE A 1 1.38 -4.51 7.96
N ARG A 2 1.23 -6.22 9.78
CA ARG A 2 1.25 -7.19 10.92
C ARG A 2 0.68 -8.53 10.46
N TYR A 3 -0.48 -8.51 9.84
CA TYR A 3 -1.09 -9.78 9.37
C TYR A 3 -2.16 -9.49 8.31
N PRO A 4 -1.74 -8.87 7.24
CA PRO A 4 -2.60 -8.47 6.07
C PRO A 4 -2.61 -9.59 5.02
N TYR A 5 -1.67 -10.49 5.13
CA TYR A 5 -1.60 -11.61 4.13
C TYR A 5 -2.58 -12.71 4.50
N TYR A 6 -3.06 -12.71 5.72
CA TYR A 6 -4.02 -13.77 6.15
C TYR A 6 -5.37 -13.58 5.46
N LEU A 7 -5.97 -12.43 5.62
CA LEU A 7 -7.30 -12.20 4.99
C LEU A 7 -7.15 -12.05 3.48
N SER A 8 -6.19 -11.30 3.04
CA SER A 8 -6.00 -11.12 1.57
C SER A 8 -6.13 -12.46 0.85
N ASP A 9 -5.87 -13.54 1.54
CA ASP A 9 -5.97 -14.89 0.90
C ASP A 9 -7.34 -15.04 0.20
N ILE A 10 -8.41 -15.01 0.94
CA ILE A 10 -9.76 -15.17 0.32
C ILE A 10 -10.04 -14.00 -0.63
N THR A 11 -9.75 -12.80 -0.22
CA THR A 11 -10.02 -11.63 -1.10
C THR A 11 -9.07 -11.64 -2.29
N ASP A 12 -8.18 -12.59 -2.35
CA ASP A 12 -7.22 -12.65 -3.50
C ASP A 12 -7.98 -12.92 -4.80
N ALA A 13 -8.92 -13.83 -4.78
CA ALA A 13 -9.68 -14.13 -6.02
C ALA A 13 -11.09 -13.53 -5.93
N PHE A 14 -11.45 -13.01 -4.79
CA PHE A 14 -12.81 -12.43 -4.62
C PHE A 14 -12.79 -10.96 -5.02
N SER A 15 -11.64 -10.40 -5.27
CA SER A 15 -11.57 -8.96 -5.65
C SER A 15 -10.61 -8.77 -6.83
N PRO A 16 -11.18 -8.82 -8.02
CA PRO A 16 -10.49 -8.63 -9.33
C PRO A 16 -10.49 -7.15 -9.69
N GLN A 17 -11.65 -6.60 -9.92
CA GLN A 17 -11.73 -5.16 -10.25
C GLN A 17 -11.27 -4.37 -9.02
N VAL A 18 -11.44 -4.95 -7.86
CA VAL A 18 -11.00 -4.28 -6.61
C VAL A 18 -9.49 -4.41 -6.48
N LEU A 19 -8.92 -5.38 -7.16
CA LEU A 19 -7.45 -5.56 -7.10
C LEU A 19 -6.78 -4.33 -7.72
N ALA A 20 -7.23 -3.93 -8.88
CA ALA A 20 -6.64 -2.72 -9.52
C ALA A 20 -6.91 -1.52 -8.62
N ALA A 21 -8.16 -1.28 -8.34
CA ALA A 21 -8.52 -0.14 -7.46
C ALA A 21 -7.54 -0.07 -6.28
N VAL A 22 -7.33 -1.18 -5.66
CA VAL A 22 -6.40 -1.25 -4.49
C VAL A 22 -5.13 -0.45 -4.83
N ILE A 23 -4.49 -0.77 -5.91
CA ILE A 23 -3.25 -0.02 -6.25
C ILE A 23 -3.56 1.47 -6.30
N PHE A 24 -4.71 1.82 -6.83
CA PHE A 24 -5.07 3.27 -6.89
C PHE A 24 -4.92 3.88 -5.50
N ILE A 25 -5.30 3.15 -4.48
CA ILE A 25 -5.15 3.69 -3.09
C ILE A 25 -3.67 3.66 -2.71
N TYR A 26 -2.96 2.62 -3.07
CA TYR A 26 -1.50 2.58 -2.73
C TYR A 26 -0.82 3.73 -3.45
N PHE A 27 -1.48 4.29 -4.44
CA PHE A 27 -0.90 5.44 -5.18
C PHE A 27 -1.31 6.72 -4.48
N ALA A 28 -2.51 6.74 -3.96
CA ALA A 28 -3.02 7.94 -3.24
C ALA A 28 -2.17 8.22 -2.01
N ALA A 29 -2.04 7.26 -1.14
CA ALA A 29 -1.24 7.46 0.11
C ALA A 29 0.20 7.85 -0.24
N LEU A 30 0.79 7.16 -1.17
CA LEU A 30 2.21 7.44 -1.57
C LEU A 30 2.36 8.85 -2.18
N SER A 31 1.30 9.58 -2.30
CA SER A 31 1.38 10.94 -2.92
C SER A 31 2.56 11.76 -2.36
N PRO A 32 2.59 11.94 -1.07
CA PRO A 32 3.61 12.74 -0.30
C PRO A 32 4.79 11.88 0.16
N ALA A 33 4.62 10.60 0.29
CA ALA A 33 5.75 9.75 0.74
C ALA A 33 6.86 9.79 -0.32
N ILE A 34 6.51 10.09 -1.54
CA ILE A 34 7.54 10.14 -2.62
C ILE A 34 8.58 11.21 -2.30
N THR A 35 8.25 12.19 -1.51
CA THR A 35 9.25 13.25 -1.19
C THR A 35 10.20 12.75 -0.11
N PHE A 36 9.79 11.76 0.66
CA PHE A 36 10.68 11.22 1.73
C PHE A 36 12.04 10.88 1.14
N GLY A 37 13.05 11.64 1.46
CA GLY A 37 14.41 11.35 0.91
C GLY A 37 15.46 12.14 1.70
N GLY A 38 15.24 12.32 2.98
CA GLY A 38 16.22 13.08 3.80
C GLY A 38 15.49 14.18 4.57
N LEU A 39 14.81 13.82 5.63
CA LEU A 39 14.08 14.82 6.43
C LEU A 39 15.03 15.54 7.37
N LEU A 40 15.42 14.90 8.44
CA LEU A 40 16.36 15.54 9.40
C LEU A 40 17.80 15.30 8.96
N GLY A 41 18.18 14.07 8.77
CA GLY A 41 19.58 13.78 8.33
C GLY A 41 20.55 14.28 9.40
N GLU A 42 21.46 13.44 9.83
CA GLU A 42 22.45 13.86 10.87
C GLU A 42 23.21 15.09 10.37
N LYS A 43 23.19 15.35 9.10
CA LYS A 43 23.92 16.53 8.55
C LYS A 43 22.91 17.49 7.90
C ACE A 1 7.15 -17.61 4.04
O ACE A 1 6.78 -16.67 4.70
CH3 ACE A 1 8.35 -18.47 4.48
H1 ACE A 1 8.97 -17.90 5.15
H2 ACE A 1 8.93 -18.75 3.61
H3 ACE A 1 7.98 -19.35 4.97
N ARG A 2 6.56 -17.93 2.91
CA ARG A 2 5.40 -17.13 2.43
C ARG A 2 4.10 -17.88 2.73
N TYR A 3 3.03 -17.17 2.96
CA TYR A 3 1.73 -17.83 3.26
C TYR A 3 1.10 -18.31 1.95
N PRO A 4 0.84 -19.59 1.88
CA PRO A 4 0.22 -20.30 0.71
C PRO A 4 -1.31 -20.22 0.81
N TYR A 5 -1.92 -21.10 1.56
CA TYR A 5 -3.40 -21.07 1.69
C TYR A 5 -3.79 -19.94 2.65
N TYR A 6 -3.04 -19.76 3.70
CA TYR A 6 -3.37 -18.68 4.68
C TYR A 6 -3.58 -17.37 3.92
N LEU A 7 -2.75 -17.11 2.95
CA LEU A 7 -2.88 -15.85 2.17
C LEU A 7 -4.27 -15.77 1.53
N SER A 8 -4.70 -16.83 0.93
CA SER A 8 -6.04 -16.82 0.27
C SER A 8 -7.16 -17.06 1.30
N ASP A 9 -6.91 -16.77 2.54
CA ASP A 9 -7.97 -17.00 3.57
C ASP A 9 -8.84 -15.73 3.72
N ILE A 10 -8.66 -14.98 4.78
CA ILE A 10 -9.50 -13.76 4.99
C ILE A 10 -8.83 -12.53 4.39
N THR A 11 -7.67 -12.67 3.81
CA THR A 11 -6.99 -11.47 3.22
C THR A 11 -7.74 -11.01 1.97
N ASP A 12 -8.70 -11.76 1.51
CA ASP A 12 -9.45 -11.35 0.29
C ASP A 12 -10.56 -10.37 0.68
N ALA A 13 -11.02 -10.43 1.91
CA ALA A 13 -12.09 -9.50 2.35
C ALA A 13 -11.48 -8.16 2.75
N PHE A 14 -10.18 -8.10 2.87
CA PHE A 14 -9.53 -6.82 3.25
C PHE A 14 -9.26 -5.98 2.01
N SER A 15 -9.54 -6.52 0.84
CA SER A 15 -9.28 -5.76 -0.42
C SER A 15 -8.02 -4.92 -0.29
N PRO A 16 -6.92 -5.58 -0.04
CA PRO A 16 -5.55 -4.99 0.13
C PRO A 16 -4.84 -4.90 -1.21
N GLN A 17 -4.55 -6.02 -1.81
CA GLN A 17 -3.85 -6.00 -3.12
C GLN A 17 -4.48 -4.94 -4.04
N VAL A 18 -5.76 -4.72 -3.90
CA VAL A 18 -6.45 -3.72 -4.77
C VAL A 18 -6.35 -2.33 -4.15
N LEU A 19 -6.61 -2.17 -2.88
CA LEU A 19 -6.51 -0.81 -2.27
C LEU A 19 -5.09 -0.28 -2.49
N ALA A 20 -4.12 -0.98 -1.99
CA ALA A 20 -2.71 -0.54 -2.18
C ALA A 20 -2.48 -0.22 -3.65
N ALA A 21 -2.91 -1.09 -4.52
CA ALA A 21 -2.72 -0.87 -5.98
C ALA A 21 -3.18 0.54 -6.35
N VAL A 22 -4.40 0.85 -6.02
CA VAL A 22 -4.97 2.20 -6.34
C VAL A 22 -4.07 3.29 -5.75
N ILE A 23 -3.77 3.19 -4.49
CA ILE A 23 -2.90 4.20 -3.83
C ILE A 23 -1.50 4.12 -4.41
N PHE A 24 -1.20 3.05 -5.08
CA PHE A 24 0.16 2.94 -5.67
C PHE A 24 0.30 4.03 -6.73
N ILE A 25 -0.74 4.25 -7.48
CA ILE A 25 -0.71 5.31 -8.52
C ILE A 25 -0.62 6.67 -7.83
N TYR A 26 -1.42 6.91 -6.83
CA TYR A 26 -1.34 8.21 -6.11
C TYR A 26 0.07 8.32 -5.52
N PHE A 27 0.33 7.52 -4.53
CA PHE A 27 1.67 7.49 -3.89
C PHE A 27 2.77 7.58 -4.95
N ALA A 28 2.50 7.08 -6.11
CA ALA A 28 3.54 7.06 -7.19
C ALA A 28 3.80 8.46 -7.80
N ALA A 29 2.80 9.09 -8.34
CA ALA A 29 3.03 10.39 -9.04
C ALA A 29 2.89 11.63 -8.13
N LEU A 30 1.70 11.99 -7.76
CA LEU A 30 1.50 13.24 -6.98
C LEU A 30 1.67 13.02 -5.48
N SER A 31 2.43 12.03 -5.09
CA SER A 31 2.63 11.81 -3.63
C SER A 31 3.84 12.61 -3.14
N PRO A 32 4.93 12.44 -3.83
CA PRO A 32 6.26 13.08 -3.58
C PRO A 32 6.38 14.40 -4.33
N ALA A 33 5.29 14.99 -4.72
CA ALA A 33 5.35 16.28 -5.45
C ALA A 33 5.26 17.45 -4.46
N ILE A 34 4.08 17.78 -4.05
CA ILE A 34 3.90 18.91 -3.08
C ILE A 34 4.49 18.52 -1.73
N THR A 35 4.14 17.36 -1.23
CA THR A 35 4.69 16.93 0.09
C THR A 35 6.22 16.88 0.01
N PHE A 36 6.76 16.80 -1.17
CA PHE A 36 8.24 16.74 -1.30
C PHE A 36 8.88 17.89 -0.51
N GLY A 37 9.48 17.59 0.61
CA GLY A 37 10.10 18.67 1.42
C GLY A 37 10.64 18.09 2.72
N GLY A 38 9.77 17.60 3.57
CA GLY A 38 10.24 17.02 4.86
C GLY A 38 9.47 17.67 6.02
N LEU A 39 8.23 17.33 6.19
CA LEU A 39 7.44 17.94 7.30
C LEU A 39 7.64 17.09 8.57
N LEU A 40 6.59 16.54 9.13
CA LEU A 40 6.76 15.72 10.36
C LEU A 40 7.54 14.47 10.02
N GLY A 41 7.01 13.62 9.19
CA GLY A 41 7.73 12.37 8.81
C GLY A 41 8.34 11.74 10.07
N GLU A 42 7.64 10.85 10.70
CA GLU A 42 8.18 10.20 11.93
C GLU A 42 9.53 9.56 11.61
N LYS A 43 9.81 9.33 10.36
CA LYS A 43 11.12 8.70 9.99
C LYS A 43 11.76 9.50 8.85
C ACE A 1 -0.48 -1.03 3.81
O ACE A 1 -1.10 -1.47 4.76
CH3 ACE A 1 -0.79 -1.47 2.39
H1 ACE A 1 -0.40 -0.74 1.69
H2 ACE A 1 -1.85 -1.56 2.26
H3 ACE A 1 -0.32 -2.43 2.20
N ARG A 2 0.49 -0.17 3.98
CA ARG A 2 0.85 0.30 5.35
C ARG A 2 -0.14 1.38 5.79
N TYR A 3 -0.15 1.72 7.05
CA TYR A 3 -1.09 2.76 7.54
C TYR A 3 -2.49 2.52 6.96
N PRO A 4 -3.05 1.38 7.28
CA PRO A 4 -4.40 0.90 6.84
C PRO A 4 -5.47 1.36 7.84
N TYR A 5 -5.27 1.07 9.09
CA TYR A 5 -6.28 1.47 10.12
C TYR A 5 -6.72 2.92 9.90
N TYR A 6 -5.81 3.76 9.48
CA TYR A 6 -6.19 5.19 9.27
C TYR A 6 -6.66 5.40 7.82
N LEU A 7 -5.95 4.87 6.87
CA LEU A 7 -6.36 5.05 5.45
C LEU A 7 -7.53 4.12 5.11
N SER A 8 -7.33 2.83 5.18
CA SER A 8 -8.43 1.88 4.85
C SER A 8 -9.75 2.37 5.46
N ASP A 9 -9.67 3.07 6.56
CA ASP A 9 -10.92 3.57 7.21
C ASP A 9 -11.82 4.25 6.16
N ILE A 10 -11.53 5.48 5.83
CA ILE A 10 -12.36 6.20 4.82
C ILE A 10 -12.29 5.50 3.46
N THR A 11 -11.19 4.87 3.16
CA THR A 11 -11.05 4.17 1.85
C THR A 11 -11.53 2.72 2.00
N ASP A 12 -12.51 2.50 2.82
CA ASP A 12 -13.01 1.12 3.02
C ASP A 12 -13.92 0.72 1.86
N ALA A 13 -15.11 1.23 1.81
CA ALA A 13 -16.05 0.86 0.72
C ALA A 13 -16.20 2.02 -0.28
N PHE A 14 -15.91 3.23 0.13
CA PHE A 14 -16.05 4.38 -0.80
C PHE A 14 -14.98 4.31 -1.90
N SER A 15 -14.10 3.35 -1.83
CA SER A 15 -13.04 3.25 -2.88
C SER A 15 -12.63 1.78 -3.07
N PRO A 16 -13.51 1.02 -3.67
CA PRO A 16 -13.37 -0.43 -3.98
C PRO A 16 -12.79 -0.62 -5.38
N GLN A 17 -13.53 -0.29 -6.40
CA GLN A 17 -13.02 -0.46 -7.79
C GLN A 17 -11.66 0.23 -7.90
N VAL A 18 -11.61 1.48 -7.58
CA VAL A 18 -10.32 2.21 -7.65
C VAL A 18 -9.33 1.52 -6.73
N LEU A 19 -9.77 0.96 -5.64
CA LEU A 19 -8.83 0.27 -4.72
C LEU A 19 -7.89 -0.60 -5.56
N ALA A 20 -8.42 -1.29 -6.52
CA ALA A 20 -7.58 -2.15 -7.39
C ALA A 20 -6.66 -1.27 -8.24
N ALA A 21 -7.21 -0.33 -8.95
CA ALA A 21 -6.40 0.57 -9.81
C ALA A 21 -5.26 1.17 -8.98
N VAL A 22 -5.60 1.88 -7.95
CA VAL A 22 -4.58 2.52 -7.08
C VAL A 22 -3.55 1.46 -6.64
N ILE A 23 -4.00 0.27 -6.33
CA ILE A 23 -3.04 -0.78 -5.88
C ILE A 23 -2.13 -1.17 -7.05
N PHE A 24 -2.62 -1.07 -8.25
CA PHE A 24 -1.77 -1.41 -9.41
C PHE A 24 -0.52 -0.54 -9.38
N ILE A 25 -0.69 0.75 -9.22
CA ILE A 25 0.48 1.66 -9.15
C ILE A 25 1.25 1.32 -7.86
N TYR A 26 0.55 1.00 -6.80
CA TYR A 26 1.25 0.65 -5.55
C TYR A 26 2.08 -0.61 -5.82
N PHE A 27 1.70 -1.33 -6.85
CA PHE A 27 2.43 -2.57 -7.22
C PHE A 27 3.65 -2.14 -8.04
N ALA A 28 3.49 -1.11 -8.81
CA ALA A 28 4.61 -0.59 -9.64
C ALA A 28 5.75 -0.12 -8.73
N ALA A 29 5.46 0.79 -7.84
CA ALA A 29 6.51 1.31 -6.92
C ALA A 29 6.99 0.20 -5.98
N LEU A 30 6.08 -0.42 -5.28
CA LEU A 30 6.48 -1.51 -4.34
C LEU A 30 6.70 -2.82 -5.09
N SER A 31 6.95 -2.76 -6.36
CA SER A 31 7.17 -4.02 -7.14
C SER A 31 8.39 -4.76 -6.60
N PRO A 32 9.45 -4.04 -6.41
CA PRO A 32 10.78 -4.50 -5.89
C PRO A 32 10.84 -4.40 -4.37
N ALA A 33 9.84 -3.84 -3.75
CA ALA A 33 9.84 -3.73 -2.27
C ALA A 33 9.49 -5.08 -1.64
N ILE A 34 8.67 -5.85 -2.31
CA ILE A 34 8.30 -7.18 -1.76
C ILE A 34 9.28 -8.25 -2.25
N THR A 35 9.84 -8.05 -3.41
CA THR A 35 10.80 -9.06 -3.95
C THR A 35 12.14 -8.90 -3.21
N PHE A 36 12.39 -7.74 -2.64
CA PHE A 36 13.67 -7.54 -1.91
C PHE A 36 13.92 -8.74 -1.00
N GLY A 37 13.09 -8.93 -0.01
CA GLY A 37 13.27 -10.09 0.91
C GLY A 37 14.61 -9.97 1.63
N GLY A 38 14.75 -9.01 2.51
CA GLY A 38 16.04 -8.85 3.24
C GLY A 38 15.95 -7.64 4.17
N LEU A 39 14.80 -7.36 4.69
CA LEU A 39 14.65 -6.19 5.61
C LEU A 39 14.89 -6.62 7.05
N LEU A 40 16.13 -6.64 7.48
CA LEU A 40 16.43 -7.05 8.88
C LEU A 40 16.15 -5.89 9.83
N GLY A 41 16.35 -4.68 9.38
CA GLY A 41 16.10 -3.49 10.26
C GLY A 41 16.94 -3.61 11.53
N GLU A 42 17.00 -2.56 12.30
CA GLU A 42 17.80 -2.61 13.57
C GLU A 42 17.04 -3.39 14.64
N LYS A 43 15.75 -3.47 14.51
CA LYS A 43 14.95 -4.22 15.53
C LYS A 43 15.66 -5.54 15.86
C ACE A 1 -0.37 -4.73 12.07
O ACE A 1 -0.29 -5.95 12.14
CH3 ACE A 1 0.43 -3.94 11.02
H1 ACE A 1 1.37 -4.46 10.83
H2 ACE A 1 0.63 -2.95 11.40
H3 ACE A 1 -0.13 -3.88 10.11
N ARG A 2 -1.15 -4.05 12.87
CA ARG A 2 -1.95 -4.75 13.89
C ARG A 2 -3.42 -4.34 13.78
N TYR A 3 -3.67 -3.06 13.71
CA TYR A 3 -5.08 -2.57 13.60
C TYR A 3 -5.88 -3.47 12.66
N PRO A 4 -6.58 -4.40 13.25
CA PRO A 4 -7.45 -5.40 12.57
C PRO A 4 -8.87 -4.84 12.37
N TYR A 5 -9.26 -3.91 13.19
CA TYR A 5 -10.62 -3.32 13.06
C TYR A 5 -10.57 -2.11 12.13
N TYR A 6 -9.38 -1.66 11.81
CA TYR A 6 -9.26 -0.47 10.91
C TYR A 6 -9.20 -0.92 9.45
N LEU A 7 -8.45 -1.95 9.16
CA LEU A 7 -8.34 -2.42 7.75
C LEU A 7 -9.45 -3.41 7.43
N SER A 8 -9.80 -4.26 8.36
CA SER A 8 -10.85 -5.27 8.09
C SER A 8 -12.25 -4.68 8.30
N ASP A 9 -12.39 -3.38 8.27
CA ASP A 9 -13.73 -2.78 8.47
C ASP A 9 -14.43 -2.62 7.11
N ILE A 10 -14.59 -1.41 6.63
CA ILE A 10 -15.26 -1.21 5.32
C ILE A 10 -14.22 -1.21 4.20
N THR A 11 -13.00 -0.85 4.50
CA THR A 11 -11.95 -0.81 3.45
C THR A 11 -11.83 -2.17 2.77
N ASP A 12 -12.11 -3.23 3.47
CA ASP A 12 -12.02 -4.58 2.84
C ASP A 12 -12.71 -4.57 1.48
N ALA A 13 -13.80 -3.85 1.37
CA ALA A 13 -14.52 -3.80 0.06
C ALA A 13 -14.13 -2.52 -0.69
N PHE A 14 -13.75 -1.50 0.01
CA PHE A 14 -13.36 -0.23 -0.67
C PHE A 14 -12.41 -0.54 -1.81
N SER A 15 -11.38 -1.30 -1.53
CA SER A 15 -10.40 -1.64 -2.59
C SER A 15 -9.97 -3.11 -2.48
N PRO A 16 -10.65 -3.95 -3.22
CA PRO A 16 -10.44 -5.42 -3.31
C PRO A 16 -9.51 -5.72 -4.49
N GLN A 17 -10.04 -5.64 -5.67
CA GLN A 17 -9.19 -5.88 -6.87
C GLN A 17 -8.20 -4.72 -6.96
N VAL A 18 -8.50 -3.64 -6.30
CA VAL A 18 -7.60 -2.46 -6.31
C VAL A 18 -6.49 -2.68 -5.28
N LEU A 19 -6.71 -3.55 -4.33
CA LEU A 19 -5.64 -3.81 -3.33
C LEU A 19 -4.52 -4.59 -4.01
N ALA A 20 -4.86 -5.66 -4.68
CA ALA A 20 -3.81 -6.44 -5.40
C ALA A 20 -3.20 -5.54 -6.47
N ALA A 21 -4.02 -4.97 -7.30
CA ALA A 21 -3.52 -4.05 -8.36
C ALA A 21 -2.58 -3.03 -7.72
N VAL A 22 -3.01 -2.48 -6.63
CA VAL A 22 -2.19 -1.46 -5.90
C VAL A 22 -0.75 -1.94 -5.82
N ILE A 23 -0.54 -3.20 -5.51
CA ILE A 23 0.86 -3.70 -5.41
C ILE A 23 1.49 -3.73 -6.80
N PHE A 24 0.73 -4.05 -7.81
CA PHE A 24 1.30 -4.08 -9.19
C PHE A 24 1.92 -2.71 -9.48
N ILE A 25 1.17 -1.66 -9.24
CA ILE A 25 1.72 -0.30 -9.48
C ILE A 25 2.76 -0.01 -8.40
N TYR A 26 2.64 -0.62 -7.26
CA TYR A 26 3.65 -0.40 -6.19
C TYR A 26 4.93 -1.13 -6.59
N PHE A 27 4.82 -2.01 -7.56
CA PHE A 27 6.00 -2.76 -8.05
C PHE A 27 6.63 -1.96 -9.18
N ALA A 28 5.79 -1.33 -9.95
CA ALA A 28 6.27 -0.50 -11.09
C ALA A 28 7.03 0.72 -10.57
N ALA A 29 6.39 1.50 -9.75
CA ALA A 29 7.04 2.72 -9.20
C ALA A 29 8.29 2.36 -8.39
N LEU A 30 8.17 1.43 -7.49
CA LEU A 30 9.33 1.06 -6.62
C LEU A 30 10.45 0.37 -7.44
N SER A 31 10.33 0.30 -8.74
CA SER A 31 11.40 -0.35 -9.56
C SER A 31 12.79 -0.06 -8.99
N PRO A 32 13.03 1.19 -8.72
CA PRO A 32 14.30 1.76 -8.17
C PRO A 32 14.31 1.72 -6.63
N ALA A 33 13.18 1.89 -6.01
CA ALA A 33 13.13 1.89 -4.51
C ALA A 33 13.64 0.55 -3.99
N ILE A 34 13.74 -0.44 -4.82
CA ILE A 34 14.22 -1.78 -4.36
C ILE A 34 15.33 -1.65 -3.31
N THR A 35 16.31 -0.82 -3.57
CA THR A 35 17.42 -0.65 -2.60
C THR A 35 17.11 0.50 -1.65
N PHE A 36 15.89 0.56 -1.20
CA PHE A 36 15.50 1.66 -0.28
C PHE A 36 15.97 1.33 1.14
N GLY A 37 16.13 2.33 1.97
CA GLY A 37 16.59 2.07 3.36
C GLY A 37 15.99 3.13 4.30
N GLY A 38 14.69 3.17 4.40
CA GLY A 38 14.05 4.18 5.30
C GLY A 38 13.12 5.08 4.48
N LEU A 39 11.90 4.65 4.28
CA LEU A 39 10.95 5.48 3.50
C LEU A 39 11.02 6.93 3.97
N LEU A 40 10.43 7.84 3.24
CA LEU A 40 10.48 9.27 3.66
C LEU A 40 9.32 9.55 4.63
N GLY A 41 8.12 9.32 4.21
CA GLY A 41 6.94 9.58 5.11
C GLY A 41 6.21 10.85 4.65
N GLU A 42 6.83 11.62 3.80
CA GLU A 42 6.16 12.85 3.31
C GLU A 42 5.08 12.49 2.28
N LYS A 43 5.44 11.74 1.28
CA LYS A 43 4.43 11.34 0.25
C LYS A 43 3.72 10.07 0.69
C ACE A 1 -8.43 12.44 6.44
O ACE A 1 -9.53 12.28 6.93
CH3 ACE A 1 -8.21 13.43 5.30
H1 ACE A 1 -9.16 13.72 4.89
H2 ACE A 1 -7.61 12.97 4.53
H3 ACE A 1 -7.71 14.31 5.68
N ARG A 2 -7.40 11.76 6.87
CA ARG A 2 -7.55 10.77 7.98
C ARG A 2 -8.52 9.67 7.54
N TYR A 3 -8.81 9.59 6.27
CA TYR A 3 -9.75 8.55 5.78
C TYR A 3 -9.03 7.25 5.32
N PRO A 4 -7.78 7.37 4.90
CA PRO A 4 -6.95 6.21 4.41
C PRO A 4 -6.39 5.38 5.57
N TYR A 5 -5.85 6.01 6.57
CA TYR A 5 -5.27 5.23 7.71
C TYR A 5 -6.33 4.99 8.79
N TYR A 6 -7.24 5.90 8.97
CA TYR A 6 -8.28 5.72 10.04
C TYR A 6 -9.51 4.99 9.49
N LEU A 7 -10.12 5.50 8.45
CA LEU A 7 -11.34 4.84 7.90
C LEU A 7 -11.00 3.44 7.39
N SER A 8 -9.93 3.30 6.66
CA SER A 8 -9.56 1.96 6.12
C SER A 8 -9.72 0.88 7.21
N ASP A 9 -9.66 1.26 8.45
CA ASP A 9 -9.80 0.25 9.54
C ASP A 9 -11.00 -0.66 9.29
N ILE A 10 -12.20 -0.14 9.43
CA ILE A 10 -13.41 -0.99 9.23
C ILE A 10 -13.83 -0.98 7.76
N THR A 11 -13.44 0.01 7.00
CA THR A 11 -13.84 0.05 5.57
C THR A 11 -12.80 -0.66 4.71
N ASP A 12 -12.15 -1.66 5.25
CA ASP A 12 -11.12 -2.40 4.47
C ASP A 12 -11.79 -3.26 3.40
N ALA A 13 -12.89 -3.90 3.73
CA ALA A 13 -13.57 -4.76 2.73
C ALA A 13 -14.01 -3.91 1.54
N PHE A 14 -14.15 -2.63 1.73
CA PHE A 14 -14.58 -1.74 0.61
C PHE A 14 -13.76 -2.07 -0.64
N SER A 15 -12.49 -2.32 -0.49
CA SER A 15 -11.65 -2.63 -1.67
C SER A 15 -10.79 -3.86 -1.39
N PRO A 16 -11.38 -5.01 -1.58
CA PRO A 16 -10.75 -6.36 -1.39
C PRO A 16 -10.05 -6.79 -2.68
N GLN A 17 -10.78 -6.92 -3.74
CA GLN A 17 -10.15 -7.33 -5.03
C GLN A 17 -9.02 -6.36 -5.34
N VAL A 18 -9.30 -5.09 -5.35
CA VAL A 18 -8.25 -4.08 -5.63
C VAL A 18 -7.08 -4.29 -4.66
N LEU A 19 -7.35 -4.59 -3.42
CA LEU A 19 -6.25 -4.80 -2.45
C LEU A 19 -5.20 -5.72 -3.09
N ALA A 20 -5.63 -6.82 -3.63
CA ALA A 20 -4.68 -7.75 -4.28
C ALA A 20 -3.92 -7.03 -5.38
N ALA A 21 -4.63 -6.38 -6.24
CA ALA A 21 -3.99 -5.64 -7.36
C ALA A 21 -2.86 -4.76 -6.83
N VAL A 22 -3.16 -3.92 -5.90
CA VAL A 22 -2.13 -3.02 -5.32
C VAL A 22 -0.91 -3.82 -4.88
N ILE A 23 -1.10 -4.99 -4.36
CA ILE A 23 0.06 -5.81 -3.90
C ILE A 23 0.76 -6.46 -5.09
N PHE A 24 0.06 -6.69 -6.16
CA PHE A 24 0.70 -7.30 -7.36
C PHE A 24 1.72 -6.32 -7.92
N ILE A 25 1.44 -5.04 -7.83
CA ILE A 25 2.40 -4.03 -8.34
C ILE A 25 3.47 -3.81 -7.28
N TYR A 26 3.12 -3.94 -6.02
CA TYR A 26 4.14 -3.76 -4.96
C TYR A 26 5.13 -4.92 -5.08
N PHE A 27 4.66 -6.03 -5.57
CA PHE A 27 5.54 -7.21 -5.76
C PHE A 27 6.45 -6.96 -6.96
N ALA A 28 5.90 -6.31 -7.95
CA ALA A 28 6.69 -6.01 -9.18
C ALA A 28 7.83 -5.03 -8.86
N ALA A 29 7.50 -3.87 -8.36
CA ALA A 29 8.56 -2.86 -8.06
C ALA A 29 9.09 -3.02 -6.62
N LEU A 30 8.22 -3.02 -5.66
CA LEU A 30 8.67 -3.15 -4.24
C LEU A 30 9.06 -4.60 -3.91
N SER A 31 9.29 -5.42 -4.90
CA SER A 31 9.68 -6.83 -4.61
C SER A 31 10.94 -6.89 -3.74
N PRO A 32 11.92 -6.12 -4.12
CA PRO A 32 13.27 -6.00 -3.46
C PRO A 32 13.25 -4.95 -2.35
N ALA A 33 12.45 -3.92 -2.49
CA ALA A 33 12.40 -2.87 -1.44
C ALA A 33 12.38 -3.53 -0.06
N ILE A 34 11.75 -4.67 0.06
CA ILE A 34 11.70 -5.36 1.37
C ILE A 34 13.10 -5.88 1.73
N THR A 35 13.76 -6.52 0.81
CA THR A 35 15.12 -7.04 1.11
C THR A 35 16.07 -5.88 1.38
N PHE A 36 15.68 -4.68 1.03
CA PHE A 36 16.56 -3.51 1.28
C PHE A 36 16.46 -3.09 2.76
N GLY A 37 15.65 -2.12 3.06
CA GLY A 37 15.51 -1.68 4.48
C GLY A 37 15.37 -0.16 4.53
N GLY A 38 14.46 0.39 3.78
CA GLY A 38 14.28 1.87 3.79
C GLY A 38 12.91 2.21 3.20
N LEU A 39 11.86 1.88 3.89
CA LEU A 39 10.49 2.18 3.38
C LEU A 39 10.18 3.67 3.57
N LEU A 40 11.11 4.42 4.09
CA LEU A 40 10.85 5.87 4.30
C LEU A 40 11.03 6.62 2.98
N GLY A 41 12.23 6.71 2.49
CA GLY A 41 12.45 7.43 1.20
C GLY A 41 13.13 6.48 0.20
N GLU A 42 12.35 5.91 -0.68
CA GLU A 42 12.94 4.97 -1.68
C GLU A 42 13.57 5.79 -2.82
N LYS A 43 12.79 6.58 -3.48
CA LYS A 43 13.33 7.40 -4.60
C LYS A 43 14.65 8.05 -4.16
C ACE A 1 2.85 -12.32 -4.95
O ACE A 1 2.74 -13.07 -4.00
CH3 ACE A 1 4.21 -12.05 -5.58
H1 ACE A 1 4.94 -11.87 -4.80
H2 ACE A 1 4.15 -11.17 -6.22
H3 ACE A 1 4.52 -12.90 -6.18
N ARG A 2 1.82 -11.72 -5.47
CA ARG A 2 0.46 -11.94 -4.89
C ARG A 2 0.43 -11.43 -3.45
N TYR A 3 -0.45 -10.52 -3.16
CA TYR A 3 -0.53 -9.98 -1.78
C TYR A 3 -1.91 -9.36 -1.54
N PRO A 4 -2.91 -10.19 -1.59
CA PRO A 4 -4.36 -9.86 -1.40
C PRO A 4 -4.74 -9.96 0.07
N TYR A 5 -4.83 -11.15 0.60
CA TYR A 5 -5.20 -11.33 2.02
C TYR A 5 -4.47 -10.30 2.89
N TYR A 6 -3.32 -9.85 2.45
CA TYR A 6 -2.55 -8.86 3.27
C TYR A 6 -3.40 -7.61 3.51
N LEU A 7 -3.97 -7.04 2.49
CA LEU A 7 -4.79 -5.81 2.70
C LEU A 7 -6.26 -6.18 2.96
N SER A 8 -6.80 -7.12 2.24
CA SER A 8 -8.22 -7.50 2.44
C SER A 8 -8.40 -8.39 3.68
N ASP A 9 -7.45 -8.40 4.58
CA ASP A 9 -7.62 -9.25 5.79
C ASP A 9 -8.32 -8.45 6.89
N ILE A 10 -7.62 -8.00 7.90
CA ILE A 10 -8.27 -7.22 8.98
C ILE A 10 -8.23 -5.73 8.64
N THR A 11 -7.16 -5.27 8.05
CA THR A 11 -7.07 -3.81 7.71
C THR A 11 -8.17 -3.46 6.70
N ASP A 12 -8.83 -4.42 6.15
CA ASP A 12 -9.91 -4.13 5.17
C ASP A 12 -11.05 -3.36 5.85
N ALA A 13 -11.62 -3.91 6.88
CA ALA A 13 -12.73 -3.20 7.57
C ALA A 13 -12.23 -2.57 8.88
N PHE A 14 -11.57 -3.34 9.70
CA PHE A 14 -11.05 -2.77 10.99
C PHE A 14 -10.46 -1.38 10.74
N SER A 15 -9.84 -1.19 9.62
CA SER A 15 -9.25 0.13 9.31
C SER A 15 -9.51 0.46 7.83
N PRO A 16 -10.65 1.05 7.57
CA PRO A 16 -11.14 1.47 6.23
C PRO A 16 -10.80 2.94 5.98
N GLN A 17 -11.49 3.83 6.63
CA GLN A 17 -11.22 5.27 6.45
C GLN A 17 -9.78 5.57 6.87
N VAL A 18 -9.24 4.76 7.73
CA VAL A 18 -7.84 4.98 8.19
C VAL A 18 -6.87 4.35 7.19
N LEU A 19 -7.32 3.39 6.44
CA LEU A 19 -6.40 2.74 5.45
C LEU A 19 -6.00 3.79 4.42
N ALA A 20 -6.94 4.56 3.94
CA ALA A 20 -6.62 5.61 2.95
C ALA A 20 -5.79 6.71 3.63
N ALA A 21 -6.30 7.26 4.68
CA ALA A 21 -5.57 8.34 5.41
C ALA A 21 -4.12 7.93 5.59
N VAL A 22 -3.91 6.82 6.21
CA VAL A 22 -2.52 6.32 6.44
C VAL A 22 -1.71 6.46 5.15
N ILE A 23 -2.27 6.06 4.05
CA ILE A 23 -1.53 6.17 2.76
C ILE A 23 -1.23 7.64 2.46
N PHE A 24 -2.22 8.48 2.42
CA PHE A 24 -1.98 9.92 2.12
C PHE A 24 -0.69 10.37 2.82
N ILE A 25 -0.45 9.89 4.00
CA ILE A 25 0.81 10.27 4.70
C ILE A 25 1.97 9.50 4.07
N TYR A 26 1.80 8.23 3.84
CA TYR A 26 2.88 7.45 3.19
C TYR A 26 3.21 8.15 1.88
N PHE A 27 2.29 8.07 0.96
CA PHE A 27 2.45 8.75 -0.36
C PHE A 27 3.18 10.07 -0.16
N ALA A 28 2.98 10.70 0.95
CA ALA A 28 3.64 12.00 1.23
C ALA A 28 5.16 11.82 1.31
N ALA A 29 5.63 11.02 2.23
CA ALA A 29 7.10 10.84 2.38
C ALA A 29 7.65 9.67 1.54
N LEU A 30 7.22 8.47 1.81
CA LEU A 30 7.74 7.29 1.06
C LEU A 30 6.88 7.03 -0.17
N SER A 31 6.42 8.08 -0.80
CA SER A 31 5.57 7.90 -2.01
C SER A 31 6.24 6.93 -2.99
N PRO A 32 7.48 7.19 -3.29
CA PRO A 32 8.36 6.43 -4.23
C PRO A 32 9.13 5.33 -3.50
N ALA A 33 8.94 5.19 -2.22
CA ALA A 33 9.68 4.13 -1.47
C ALA A 33 8.96 2.79 -1.62
N ILE A 34 7.79 2.66 -1.06
CA ILE A 34 7.05 1.37 -1.17
C ILE A 34 6.92 0.98 -2.64
N THR A 35 6.26 1.80 -3.43
CA THR A 35 6.10 1.48 -4.88
C THR A 35 7.42 0.98 -5.45
N PHE A 36 8.52 1.47 -4.93
CA PHE A 36 9.85 1.03 -5.45
C PHE A 36 10.30 -0.21 -4.69
N GLY A 37 9.86 -1.38 -5.10
CA GLY A 37 10.27 -2.62 -4.40
C GLY A 37 9.49 -3.81 -4.98
N GLY A 38 10.09 -4.56 -5.86
CA GLY A 38 9.38 -5.74 -6.45
C GLY A 38 9.43 -5.65 -7.98
N LEU A 39 9.79 -4.52 -8.51
CA LEU A 39 9.86 -4.36 -9.99
C LEU A 39 10.56 -5.58 -10.60
N LEU A 40 10.11 -6.02 -11.75
CA LEU A 40 10.75 -7.19 -12.40
C LEU A 40 11.88 -6.71 -13.32
N GLY A 41 11.77 -5.51 -13.83
CA GLY A 41 12.83 -4.99 -14.73
C GLY A 41 12.31 -3.77 -15.48
N GLU A 42 11.35 -3.96 -16.35
CA GLU A 42 10.80 -2.82 -17.13
C GLU A 42 9.63 -2.20 -16.35
N LYS A 43 8.57 -2.94 -16.16
CA LYS A 43 7.40 -2.39 -15.41
C LYS A 43 7.34 -3.01 -14.02
C ACE A 1 -23.38 5.23 12.58
O ACE A 1 -22.33 5.84 12.42
CH3 ACE A 1 -24.27 4.87 11.41
H1 ACE A 1 -24.37 3.80 11.33
H2 ACE A 1 -23.83 5.25 10.49
H3 ACE A 1 -25.25 5.32 11.54
N ARG A 2 -23.77 4.86 13.78
CA ARG A 2 -22.93 5.18 14.97
C ARG A 2 -22.03 3.99 15.29
N TYR A 3 -20.92 3.87 14.61
CA TYR A 3 -19.99 2.73 14.88
C TYR A 3 -18.58 3.14 14.47
N PRO A 4 -17.94 3.89 15.33
CA PRO A 4 -16.55 4.43 15.17
C PRO A 4 -15.52 3.40 15.66
N TYR A 5 -15.23 3.39 16.93
CA TYR A 5 -14.23 2.42 17.46
C TYR A 5 -14.82 1.01 17.47
N TYR A 6 -16.12 0.91 17.56
CA TYR A 6 -16.76 -0.44 17.59
C TYR A 6 -16.40 -1.20 16.32
N LEU A 7 -16.64 -0.63 15.17
CA LEU A 7 -16.32 -1.32 13.89
C LEU A 7 -14.82 -1.27 13.64
N SER A 8 -14.22 -0.12 13.78
CA SER A 8 -12.76 0.01 13.55
C SER A 8 -12.03 -1.18 14.18
N ASP A 9 -12.59 -1.76 15.20
CA ASP A 9 -11.92 -2.92 15.86
C ASP A 9 -11.80 -4.09 14.87
N ILE A 10 -12.88 -4.46 14.26
CA ILE A 10 -12.83 -5.60 13.29
C ILE A 10 -11.96 -5.22 12.08
N THR A 11 -12.02 -3.99 11.66
CA THR A 11 -11.21 -3.56 10.48
C THR A 11 -9.78 -3.27 10.93
N ASP A 12 -9.44 -3.56 12.15
CA ASP A 12 -8.06 -3.29 12.63
C ASP A 12 -7.11 -4.35 12.08
N ALA A 13 -7.62 -5.33 11.37
CA ALA A 13 -6.75 -6.39 10.82
C ALA A 13 -6.40 -6.08 9.36
N PHE A 14 -6.81 -4.94 8.88
CA PHE A 14 -6.50 -4.58 7.47
C PHE A 14 -5.16 -3.82 7.41
N SER A 15 -4.35 -3.96 8.43
CA SER A 15 -3.05 -3.24 8.44
C SER A 15 -1.99 -4.05 7.68
N PRO A 16 -1.95 -5.33 7.93
CA PRO A 16 -1.00 -6.31 7.31
C PRO A 16 -1.53 -6.74 5.94
N GLN A 17 -2.78 -7.08 5.85
CA GLN A 17 -3.35 -7.50 4.54
C GLN A 17 -3.02 -6.44 3.49
N VAL A 18 -3.00 -5.20 3.89
CA VAL A 18 -2.68 -4.11 2.92
C VAL A 18 -1.18 -4.14 2.61
N LEU A 19 -0.35 -4.32 3.59
CA LEU A 19 1.12 -4.37 3.32
C LEU A 19 1.36 -5.25 2.10
N ALA A 20 0.78 -6.42 2.09
CA ALA A 20 0.95 -7.32 0.92
C ALA A 20 0.54 -6.56 -0.33
N ALA A 21 -0.63 -5.98 -0.29
CA ALA A 21 -1.13 -5.20 -1.47
C ALA A 21 0.00 -4.31 -1.97
N VAL A 22 0.56 -3.53 -1.11
CA VAL A 22 1.67 -2.62 -1.51
C VAL A 22 2.66 -3.38 -2.41
N ILE A 23 3.13 -4.51 -1.97
CA ILE A 23 4.07 -5.29 -2.81
C ILE A 23 3.41 -5.56 -4.17
N PHE A 24 2.16 -5.95 -4.16
CA PHE A 24 1.46 -6.22 -5.44
C PHE A 24 1.71 -5.04 -6.39
N ILE A 25 1.74 -3.84 -5.86
CA ILE A 25 2.01 -2.66 -6.72
C ILE A 25 3.49 -2.67 -7.11
N TYR A 26 4.36 -2.96 -6.19
CA TYR A 26 5.80 -3.02 -6.52
C TYR A 26 5.95 -3.97 -7.71
N PHE A 27 5.00 -4.85 -7.86
CA PHE A 27 5.03 -5.82 -8.99
C PHE A 27 4.31 -5.19 -10.18
N ALA A 28 3.31 -4.41 -9.91
CA ALA A 28 2.51 -3.77 -10.98
C ALA A 28 3.08 -2.39 -11.35
N ALA A 29 2.93 -1.43 -10.48
CA ALA A 29 3.41 -0.04 -10.78
C ALA A 29 4.92 0.11 -10.60
N LEU A 30 5.42 -0.11 -9.42
CA LEU A 30 6.88 0.07 -9.20
C LEU A 30 7.66 -1.19 -9.60
N SER A 31 7.14 -1.94 -10.52
CA SER A 31 7.85 -3.18 -10.96
C SER A 31 8.94 -2.82 -11.98
N PRO A 32 8.54 -2.08 -12.98
CA PRO A 32 9.39 -1.60 -14.12
C PRO A 32 10.00 -0.23 -13.80
N ALA A 33 9.49 0.44 -12.81
CA ALA A 33 10.03 1.78 -12.45
C ALA A 33 11.55 1.71 -12.25
N ILE A 34 12.06 0.55 -11.92
CA ILE A 34 13.53 0.43 -11.70
C ILE A 34 14.28 0.52 -13.04
N THR A 35 14.19 -0.50 -13.85
CA THR A 35 14.91 -0.47 -15.16
C THR A 35 14.45 0.73 -15.98
N PHE A 36 13.18 0.83 -16.22
CA PHE A 36 12.67 1.97 -17.03
C PHE A 36 13.18 3.29 -16.44
N GLY A 37 14.06 3.95 -17.14
CA GLY A 37 14.61 5.24 -16.61
C GLY A 37 15.48 5.89 -17.69
N GLY A 38 15.98 7.07 -17.43
CA GLY A 38 16.84 7.75 -18.45
C GLY A 38 17.22 9.15 -17.93
N LEU A 39 16.30 9.83 -17.31
CA LEU A 39 16.59 11.19 -16.80
C LEU A 39 17.73 11.11 -15.78
N LEU A 40 17.46 11.36 -14.53
CA LEU A 40 18.55 11.28 -13.51
C LEU A 40 18.37 9.98 -12.71
N GLY A 41 17.56 10.03 -11.68
CA GLY A 41 17.32 8.80 -10.86
C GLY A 41 18.61 7.99 -10.72
N GLU A 42 19.73 8.66 -10.59
CA GLU A 42 21.01 7.93 -10.46
C GLU A 42 21.28 7.61 -8.98
N LYS A 43 20.24 7.48 -8.20
CA LYS A 43 20.44 7.18 -6.76
C LYS A 43 20.34 5.67 -6.54
C ACE A 1 -3.55 -12.95 19.51
O ACE A 1 -2.48 -13.42 19.19
CH3 ACE A 1 -3.65 -11.80 20.52
H1 ACE A 1 -3.42 -12.18 21.51
H2 ACE A 1 -4.65 -11.40 20.50
H3 ACE A 1 -2.95 -11.02 20.25
N ARG A 2 -4.67 -13.40 19.00
CA ARG A 2 -4.64 -14.51 18.02
C ARG A 2 -5.01 -13.97 16.63
N TYR A 3 -4.16 -14.18 15.65
CA TYR A 3 -4.46 -13.68 14.28
C TYR A 3 -5.06 -12.27 14.37
N PRO A 4 -4.21 -11.32 14.61
CA PRO A 4 -4.53 -9.85 14.74
C PRO A 4 -4.47 -9.17 13.37
N TYR A 5 -3.42 -9.40 12.63
CA TYR A 5 -3.29 -8.78 11.28
C TYR A 5 -4.39 -9.33 10.37
N TYR A 6 -5.07 -10.36 10.79
CA TYR A 6 -6.13 -10.96 9.94
C TYR A 6 -7.47 -10.26 10.18
N LEU A 7 -8.07 -10.48 11.32
CA LEU A 7 -9.39 -9.85 11.60
C LEU A 7 -9.21 -8.36 11.94
N SER A 8 -8.41 -8.06 12.92
CA SER A 8 -8.21 -6.63 13.31
C SER A 8 -8.06 -5.76 12.06
N ASP A 9 -7.64 -6.32 10.96
CA ASP A 9 -7.47 -5.49 9.73
C ASP A 9 -8.82 -5.29 9.04
N ILE A 10 -9.61 -6.32 8.93
CA ILE A 10 -10.93 -6.17 8.26
C ILE A 10 -11.84 -5.22 9.05
N THR A 11 -11.68 -5.16 10.34
CA THR A 11 -12.54 -4.26 11.15
C THR A 11 -11.96 -2.84 11.14
N ASP A 12 -10.68 -2.69 11.27
CA ASP A 12 -10.08 -1.33 11.29
C ASP A 12 -9.90 -0.81 9.86
N ALA A 13 -10.34 -1.54 8.88
CA ALA A 13 -10.20 -1.08 7.48
C ALA A 13 -11.46 -0.32 7.04
N PHE A 14 -12.23 0.14 7.98
CA PHE A 14 -13.47 0.88 7.62
C PHE A 14 -13.19 2.37 7.51
N SER A 15 -11.97 2.76 7.29
CA SER A 15 -11.65 4.21 7.19
C SER A 15 -10.23 4.44 6.67
N PRO A 16 -9.27 3.81 7.31
CA PRO A 16 -7.81 3.92 6.97
C PRO A 16 -7.47 2.98 5.82
N GLN A 17 -8.25 1.95 5.64
CA GLN A 17 -7.99 1.01 4.51
C GLN A 17 -8.33 1.71 3.20
N VAL A 18 -9.04 2.80 3.27
CA VAL A 18 -9.42 3.54 2.05
C VAL A 18 -8.27 4.48 1.65
N LEU A 19 -7.56 5.00 2.61
CA LEU A 19 -6.41 5.90 2.27
C LEU A 19 -5.36 5.08 1.53
N ALA A 20 -4.93 3.99 2.13
CA ALA A 20 -3.93 3.13 1.45
C ALA A 20 -4.46 2.77 0.06
N ALA A 21 -5.67 2.30 0.00
CA ALA A 21 -6.27 1.94 -1.31
C ALA A 21 -5.96 3.05 -2.31
N VAL A 22 -6.29 4.25 -1.96
CA VAL A 22 -6.04 5.40 -2.88
C VAL A 22 -4.65 5.26 -3.50
N ILE A 23 -3.65 4.98 -2.71
CA ILE A 23 -2.27 4.84 -3.27
C ILE A 23 -2.22 3.61 -4.16
N PHE A 24 -2.87 2.54 -3.79
CA PHE A 24 -2.85 1.32 -4.64
C PHE A 24 -3.27 1.71 -6.06
N ILE A 25 -4.23 2.58 -6.18
CA ILE A 25 -4.66 3.02 -7.52
C ILE A 25 -3.54 3.83 -8.16
N TYR A 26 -2.84 4.63 -7.38
CA TYR A 26 -1.72 5.40 -7.98
C TYR A 26 -0.70 4.39 -8.49
N PHE A 27 -0.75 3.19 -7.98
CA PHE A 27 0.18 2.12 -8.46
C PHE A 27 -0.33 1.70 -9.83
N ALA A 28 -1.63 1.70 -9.97
CA ALA A 28 -2.26 1.35 -11.26
C ALA A 28 -1.76 2.34 -12.32
N ALA A 29 -1.83 3.61 -12.00
CA ALA A 29 -1.39 4.67 -12.94
C ALA A 29 0.11 4.59 -13.23
N LEU A 30 0.91 4.38 -12.22
CA LEU A 30 2.40 4.31 -12.39
C LEU A 30 2.81 3.37 -13.54
N SER A 31 1.89 2.59 -14.05
CA SER A 31 2.21 1.64 -15.16
C SER A 31 3.37 2.12 -16.05
N PRO A 32 3.29 3.34 -16.51
CA PRO A 32 4.28 4.02 -17.41
C PRO A 32 5.41 4.66 -16.59
N ALA A 33 5.12 5.11 -15.41
CA ALA A 33 6.18 5.72 -14.56
C ALA A 33 7.38 4.78 -14.48
N ILE A 34 7.15 3.51 -14.74
CA ILE A 34 8.28 2.53 -14.68
C ILE A 34 9.54 3.16 -15.28
N THR A 35 9.38 3.93 -16.32
CA THR A 35 10.57 4.61 -16.92
C THR A 35 11.29 5.37 -15.81
N PHE A 36 10.60 6.25 -15.16
CA PHE A 36 11.21 7.03 -14.06
C PHE A 36 11.84 6.06 -13.06
N GLY A 37 13.12 6.16 -12.85
CA GLY A 37 13.79 5.23 -11.89
C GLY A 37 13.52 5.69 -10.45
N GLY A 38 14.07 4.99 -9.50
CA GLY A 38 13.86 5.37 -8.07
C GLY A 38 14.40 4.25 -7.17
N LEU A 39 15.55 3.73 -7.48
CA LEU A 39 16.14 2.64 -6.65
C LEU A 39 16.89 3.26 -5.47
N LEU A 40 17.00 2.53 -4.39
CA LEU A 40 17.72 3.07 -3.20
C LEU A 40 19.08 2.39 -3.09
N GLY A 41 19.14 1.24 -2.47
CA GLY A 41 20.45 0.52 -2.34
C GLY A 41 21.47 1.46 -1.69
N GLU A 42 22.69 1.45 -2.15
CA GLU A 42 23.72 2.34 -1.56
C GLU A 42 23.31 3.80 -1.78
N LYS A 43 22.66 4.10 -2.87
CA LYS A 43 22.25 5.50 -3.12
C LYS A 43 21.32 5.97 -2.01
C ACE A 1 19.64 -9.29 13.35
O ACE A 1 18.84 -8.46 13.74
CH3 ACE A 1 20.83 -9.72 14.20
H1 ACE A 1 20.49 -10.09 15.16
H2 ACE A 1 21.49 -8.87 14.36
H3 ACE A 1 21.38 -10.50 13.69
N ARG A 2 19.50 -9.85 12.19
CA ARG A 2 18.35 -9.47 11.31
C ARG A 2 17.04 -9.59 12.10
N TYR A 3 15.94 -9.27 11.48
CA TYR A 3 14.64 -9.36 12.20
C TYR A 3 13.53 -9.73 11.20
N PRO A 4 13.26 -11.00 11.12
CA PRO A 4 12.22 -11.62 10.23
C PRO A 4 10.84 -11.55 10.89
N TYR A 5 10.77 -11.80 12.18
CA TYR A 5 9.46 -11.74 12.88
C TYR A 5 8.94 -10.30 12.87
N TYR A 6 9.83 -9.35 12.87
CA TYR A 6 9.42 -7.91 12.86
C TYR A 6 8.32 -7.70 11.83
N LEU A 7 8.45 -8.32 10.70
CA LEU A 7 7.43 -8.15 9.62
C LEU A 7 6.03 -8.42 10.18
N SER A 8 5.82 -9.58 10.75
CA SER A 8 4.48 -9.91 11.30
C SER A 8 4.38 -9.48 12.76
N ASP A 9 5.33 -8.72 13.24
CA ASP A 9 5.29 -8.29 14.67
C ASP A 9 4.55 -6.95 14.80
N ILE A 10 5.17 -5.88 14.39
CA ILE A 10 4.51 -4.53 14.53
C ILE A 10 3.43 -4.34 13.47
N THR A 11 3.42 -5.16 12.45
CA THR A 11 2.37 -4.99 11.39
C THR A 11 0.98 -5.21 11.99
N ASP A 12 0.91 -5.70 13.20
CA ASP A 12 -0.42 -5.94 13.83
C ASP A 12 -1.00 -4.62 14.33
N ALA A 13 -0.18 -3.76 14.88
CA ALA A 13 -0.69 -2.46 15.39
C ALA A 13 -0.96 -1.52 14.23
N PHE A 14 -0.32 -1.73 13.10
CA PHE A 14 -0.55 -0.83 11.95
C PHE A 14 -1.70 -1.37 11.09
N SER A 15 -2.64 -2.02 11.71
CA SER A 15 -3.80 -2.58 10.95
C SER A 15 -4.46 -1.48 10.13
N PRO A 16 -4.68 -0.34 10.75
CA PRO A 16 -5.32 0.88 10.15
C PRO A 16 -4.28 1.67 9.36
N GLN A 17 -3.04 1.56 9.71
CA GLN A 17 -1.98 2.31 8.97
C GLN A 17 -1.73 1.61 7.64
N VAL A 18 -2.08 0.36 7.53
CA VAL A 18 -1.85 -0.38 6.25
C VAL A 18 -3.07 -0.20 5.35
N LEU A 19 -4.26 -0.37 5.88
CA LEU A 19 -5.47 -0.18 5.03
C LEU A 19 -5.40 1.20 4.38
N ALA A 20 -5.14 2.21 5.15
CA ALA A 20 -5.04 3.59 4.58
C ALA A 20 -3.98 3.57 3.48
N ALA A 21 -2.82 3.11 3.81
CA ALA A 21 -1.71 3.05 2.81
C ALA A 21 -2.27 2.58 1.47
N VAL A 22 -2.96 1.48 1.49
CA VAL A 22 -3.56 0.92 0.25
C VAL A 22 -4.27 2.03 -0.53
N ILE A 23 -5.11 2.79 0.12
CA ILE A 23 -5.85 3.86 -0.59
C ILE A 23 -4.89 4.96 -1.04
N PHE A 24 -3.83 5.18 -0.31
CA PHE A 24 -2.86 6.24 -0.71
C PHE A 24 -2.46 6.02 -2.16
N ILE A 25 -2.28 4.79 -2.56
CA ILE A 25 -1.89 4.51 -3.96
C ILE A 25 -3.10 4.75 -4.87
N TYR A 26 -4.25 4.28 -4.48
CA TYR A 26 -5.46 4.51 -5.33
C TYR A 26 -5.66 6.02 -5.48
N PHE A 27 -5.08 6.77 -4.59
CA PHE A 27 -5.19 8.25 -4.64
C PHE A 27 -4.04 8.82 -5.46
N ALA A 28 -2.92 8.14 -5.43
CA ALA A 28 -1.73 8.62 -6.17
C ALA A 28 -1.85 8.31 -7.66
N ALA A 29 -1.75 7.06 -8.02
CA ALA A 29 -1.83 6.68 -9.46
C ALA A 29 -3.27 6.68 -9.95
N LEU A 30 -4.14 6.04 -9.25
CA LEU A 30 -5.58 5.96 -9.68
C LEU A 30 -6.31 7.28 -9.36
N SER A 31 -5.62 8.35 -9.13
CA SER A 31 -6.32 9.63 -8.82
C SER A 31 -7.08 10.13 -10.05
N PRO A 32 -6.38 10.23 -11.15
CA PRO A 32 -6.86 10.70 -12.48
C PRO A 32 -7.29 9.50 -13.35
N ALA A 33 -6.97 8.31 -12.93
CA ALA A 33 -7.35 7.11 -13.72
C ALA A 33 -8.86 6.89 -13.65
N ILE A 34 -9.49 7.41 -12.64
CA ILE A 34 -10.97 7.24 -12.48
C ILE A 34 -11.66 7.22 -13.84
N THR A 35 -11.39 8.17 -14.69
CA THR A 35 -12.04 8.19 -16.02
C THR A 35 -11.28 7.27 -16.98
N PHE A 36 -9.98 7.36 -16.99
CA PHE A 36 -9.18 6.48 -17.89
C PHE A 36 -8.89 5.15 -17.20
N GLY A 37 -9.91 4.37 -16.94
CA GLY A 37 -9.69 3.07 -16.26
C GLY A 37 -9.46 1.98 -17.32
N GLY A 38 -8.91 0.87 -16.93
CA GLY A 38 -8.67 -0.22 -17.92
C GLY A 38 -7.53 -1.12 -17.43
N LEU A 39 -6.43 -0.54 -17.07
CA LEU A 39 -5.28 -1.35 -16.58
C LEU A 39 -5.39 -1.53 -15.07
N LEU A 40 -4.88 -2.61 -14.55
CA LEU A 40 -4.96 -2.83 -13.08
C LEU A 40 -3.63 -2.43 -12.43
N GLY A 41 -2.58 -2.36 -13.20
CA GLY A 41 -1.26 -1.98 -12.62
C GLY A 41 -0.14 -2.60 -13.47
N GLU A 42 0.35 -3.74 -13.08
CA GLU A 42 1.45 -4.39 -13.86
C GLU A 42 0.83 -5.29 -14.93
N LYS A 43 -0.40 -5.04 -15.30
CA LYS A 43 -1.05 -5.89 -16.34
C LYS A 43 -1.05 -7.35 -15.88
C ACE A 1 -0.12 4.98 19.73
O ACE A 1 1.00 4.56 20.01
CH3 ACE A 1 -0.47 6.46 19.87
H1 ACE A 1 -0.21 6.81 20.85
H2 ACE A 1 -1.52 6.60 19.70
H3 ACE A 1 0.08 7.03 19.12
N ARG A 2 -1.05 4.17 19.31
CA ARG A 2 -0.77 2.72 19.16
C ARG A 2 -1.70 2.11 18.10
N TYR A 3 -1.51 2.46 16.87
CA TYR A 3 -2.39 1.91 15.80
C TYR A 3 -3.84 2.28 16.08
N PRO A 4 -4.20 3.48 15.68
CA PRO A 4 -5.56 4.09 15.84
C PRO A 4 -6.46 3.70 14.66
N TYR A 5 -6.30 4.34 13.54
CA TYR A 5 -7.15 4.02 12.36
C TYR A 5 -6.64 2.77 11.65
N TYR A 6 -5.35 2.57 11.61
CA TYR A 6 -4.80 1.36 10.93
C TYR A 6 -5.63 0.13 11.30
N LEU A 7 -6.09 0.07 12.53
CA LEU A 7 -6.90 -1.11 12.96
C LEU A 7 -8.15 -1.24 12.08
N SER A 8 -8.87 -0.17 11.88
CA SER A 8 -10.10 -0.25 11.04
C SER A 8 -9.75 -0.66 9.61
N ASP A 9 -8.49 -0.67 9.28
CA ASP A 9 -8.08 -1.07 7.90
C ASP A 9 -7.96 -2.59 7.80
N ILE A 10 -7.53 -3.22 8.86
CA ILE A 10 -7.37 -4.71 8.81
C ILE A 10 -8.73 -5.40 8.63
N THR A 11 -9.75 -4.91 9.26
CA THR A 11 -11.09 -5.55 9.12
C THR A 11 -11.53 -5.50 7.66
N ASP A 12 -11.43 -4.37 7.03
CA ASP A 12 -11.84 -4.28 5.60
C ASP A 12 -10.69 -4.81 4.73
N ALA A 13 -9.62 -5.23 5.34
CA ALA A 13 -8.47 -5.76 4.55
C ALA A 13 -8.53 -7.29 4.55
N PHE A 14 -9.71 -7.84 4.48
CA PHE A 14 -9.85 -9.32 4.47
C PHE A 14 -9.61 -9.86 3.05
N SER A 15 -9.02 -9.08 2.20
CA SER A 15 -8.74 -9.54 0.81
C SER A 15 -7.22 -9.55 0.59
N PRO A 16 -6.63 -10.67 0.90
CA PRO A 16 -5.16 -10.94 0.80
C PRO A 16 -4.81 -11.33 -0.64
N GLN A 17 -5.55 -12.24 -1.22
CA GLN A 17 -5.27 -12.65 -2.61
C GLN A 17 -5.72 -11.53 -3.56
N VAL A 18 -6.67 -10.75 -3.14
CA VAL A 18 -7.16 -9.63 -3.99
C VAL A 18 -6.31 -8.38 -3.75
N LEU A 19 -5.73 -8.26 -2.59
CA LEU A 19 -4.88 -7.07 -2.32
C LEU A 19 -3.63 -7.17 -3.19
N ALA A 20 -2.93 -8.26 -3.09
CA ALA A 20 -1.71 -8.44 -3.92
C ALA A 20 -2.07 -8.26 -5.38
N ALA A 21 -3.11 -8.92 -5.81
CA ALA A 21 -3.55 -8.82 -7.23
C ALA A 21 -3.68 -7.34 -7.63
N VAL A 22 -4.46 -6.62 -6.87
CA VAL A 22 -4.68 -5.17 -7.18
C VAL A 22 -3.33 -4.45 -7.33
N ILE A 23 -2.38 -4.76 -6.49
CA ILE A 23 -1.06 -4.07 -6.56
C ILE A 23 -0.24 -4.65 -7.70
N PHE A 24 -0.56 -5.83 -8.14
CA PHE A 24 0.22 -6.44 -9.25
C PHE A 24 0.06 -5.57 -10.50
N ILE A 25 -1.15 -5.19 -10.81
CA ILE A 25 -1.38 -4.33 -12.00
C ILE A 25 -0.87 -2.92 -11.70
N TYR A 26 -0.99 -2.47 -10.47
CA TYR A 26 -0.49 -1.11 -10.15
C TYR A 26 1.03 -1.12 -10.32
N PHE A 27 1.61 -2.26 -10.13
CA PHE A 27 3.09 -2.40 -10.30
C PHE A 27 3.40 -2.38 -11.78
N ALA A 28 2.63 -3.09 -12.54
CA ALA A 28 2.83 -3.15 -14.01
C ALA A 28 2.84 -1.73 -14.60
N ALA A 29 1.79 -0.99 -14.37
CA ALA A 29 1.70 0.39 -14.92
C ALA A 29 2.66 1.34 -14.19
N LEU A 30 2.55 1.43 -12.89
CA LEU A 30 3.44 2.36 -12.12
C LEU A 30 4.81 1.70 -11.89
N SER A 31 5.18 0.76 -12.70
CA SER A 31 6.49 0.08 -12.54
C SER A 31 7.58 1.09 -12.12
N PRO A 32 7.63 2.18 -12.82
CA PRO A 32 8.58 3.33 -12.63
C PRO A 32 8.03 4.37 -11.65
N ALA A 33 6.74 4.44 -11.50
CA ALA A 33 6.16 5.45 -10.57
C ALA A 33 6.64 5.17 -9.14
N ILE A 34 7.04 3.97 -8.86
CA ILE A 34 7.51 3.64 -7.48
C ILE A 34 8.61 4.62 -7.06
N THR A 35 9.32 5.19 -8.02
CA THR A 35 10.40 6.16 -7.67
C THR A 35 9.78 7.47 -7.17
N PHE A 36 8.67 7.85 -7.75
CA PHE A 36 7.99 9.11 -7.33
C PHE A 36 8.06 9.26 -5.81
N GLY A 37 7.67 8.24 -5.08
CA GLY A 37 7.72 8.34 -3.60
C GLY A 37 8.62 7.24 -3.04
N GLY A 38 9.88 7.53 -2.85
CA GLY A 38 10.80 6.49 -2.30
C GLY A 38 11.94 7.17 -1.54
N LEU A 39 11.64 8.14 -0.73
CA LEU A 39 12.71 8.83 0.04
C LEU A 39 13.11 7.98 1.24
N LEU A 40 14.01 8.47 2.06
CA LEU A 40 14.43 7.67 3.25
C LEU A 40 13.20 7.25 4.05
N GLY A 41 12.35 8.18 4.37
CA GLY A 41 11.13 7.83 5.15
C GLY A 41 9.92 7.77 4.21
N GLU A 42 8.86 8.44 4.54
CA GLU A 42 7.67 8.42 3.65
C GLU A 42 7.86 9.43 2.51
N LYS A 43 8.56 10.50 2.77
CA LYS A 43 8.79 11.52 1.71
C LYS A 43 9.55 12.71 2.30
C ACE A 1 -0.09 -17.71 6.87
O ACE A 1 -0.45 -17.23 7.94
CH3 ACE A 1 0.17 -19.21 6.75
H1 ACE A 1 1.01 -19.38 6.08
H2 ACE A 1 -0.70 -19.70 6.34
H3 ACE A 1 0.40 -19.63 7.72
N ARG A 2 0.07 -16.97 5.81
CA ARG A 2 -0.18 -15.51 5.89
C ARG A 2 -0.11 -14.91 4.48
N TYR A 3 -1.23 -14.67 3.87
CA TYR A 3 -1.22 -14.08 2.50
C TYR A 3 -1.09 -12.55 2.62
N PRO A 4 -0.86 -11.92 1.50
CA PRO A 4 -0.68 -10.44 1.35
C PRO A 4 -2.05 -9.73 1.33
N TYR A 5 -2.74 -9.79 0.22
CA TYR A 5 -4.06 -9.11 0.14
C TYR A 5 -4.97 -9.60 1.28
N TYR A 6 -4.64 -10.72 1.86
CA TYR A 6 -5.47 -11.25 2.98
C TYR A 6 -5.20 -10.44 4.25
N LEU A 7 -3.96 -10.12 4.51
CA LEU A 7 -3.62 -9.33 5.72
C LEU A 7 -4.58 -8.15 5.86
N SER A 8 -4.86 -7.48 4.79
CA SER A 8 -5.79 -6.31 4.86
C SER A 8 -7.11 -6.73 5.49
N ASP A 9 -7.65 -7.86 5.09
CA ASP A 9 -8.94 -8.31 5.67
C ASP A 9 -8.90 -8.20 7.19
N ILE A 10 -7.85 -8.65 7.81
CA ILE A 10 -7.76 -8.58 9.30
C ILE A 10 -7.61 -7.12 9.75
N THR A 11 -6.69 -6.41 9.17
CA THR A 11 -6.50 -4.98 9.56
C THR A 11 -7.50 -4.10 8.82
N ASP A 12 -8.47 -4.69 8.18
CA ASP A 12 -9.48 -3.89 7.43
C ASP A 12 -10.65 -3.56 8.35
N ALA A 13 -10.96 -4.44 9.27
CA ALA A 13 -12.09 -4.18 10.20
C ALA A 13 -11.83 -2.92 11.01
N PHE A 14 -10.63 -2.77 11.53
CA PHE A 14 -10.32 -1.56 12.34
C PHE A 14 -9.96 -0.39 11.41
N SER A 15 -9.69 -0.66 10.17
CA SER A 15 -9.34 0.44 9.24
C SER A 15 -10.01 0.21 7.88
N PRO A 16 -11.25 0.60 7.82
CA PRO A 16 -12.15 0.52 6.62
C PRO A 16 -12.05 1.81 5.80
N GLN A 17 -12.51 2.90 6.36
CA GLN A 17 -12.43 4.19 5.64
C GLN A 17 -10.97 4.50 5.33
N VAL A 18 -10.10 4.25 6.25
CA VAL A 18 -8.66 4.49 6.01
C VAL A 18 -8.16 3.55 4.92
N LEU A 19 -8.82 2.43 4.76
CA LEU A 19 -8.40 1.47 3.70
C LEU A 19 -8.44 2.19 2.35
N ALA A 20 -9.56 2.77 2.01
CA ALA A 20 -9.65 3.50 0.71
C ALA A 20 -8.50 4.50 0.64
N ALA A 21 -8.39 5.33 1.64
CA ALA A 21 -7.30 6.35 1.67
C ALA A 21 -5.99 5.69 1.24
N VAL A 22 -5.65 4.60 1.87
CA VAL A 22 -4.39 3.88 1.55
C VAL A 22 -4.23 3.79 0.02
N ILE A 23 -5.26 3.42 -0.68
CA ILE A 23 -5.14 3.31 -2.16
C ILE A 23 -4.81 4.69 -2.74
N PHE A 24 -5.47 5.72 -2.28
CA PHE A 24 -5.18 7.08 -2.81
C PHE A 24 -3.66 7.29 -2.84
N ILE A 25 -2.99 6.91 -1.79
CA ILE A 25 -1.50 7.07 -1.79
C ILE A 25 -0.90 6.09 -2.79
N TYR A 26 -1.38 4.87 -2.82
CA TYR A 26 -0.83 3.89 -3.80
C TYR A 26 -1.01 4.45 -5.20
N PHE A 27 -1.90 5.41 -5.34
CA PHE A 27 -2.15 6.03 -6.66
C PHE A 27 -1.23 7.23 -6.83
N ALA A 28 -0.95 7.90 -5.74
CA ALA A 28 -0.08 9.10 -5.78
C ALA A 28 1.38 8.70 -6.06
N ALA A 29 1.97 7.94 -5.18
CA ALA A 29 3.40 7.54 -5.35
C ALA A 29 3.59 6.65 -6.59
N LEU A 30 2.78 5.64 -6.71
CA LEU A 30 2.94 4.70 -7.86
C LEU A 30 3.16 5.46 -9.17
N SER A 31 2.78 6.72 -9.24
CA SER A 31 2.98 7.47 -10.52
C SER A 31 4.42 8.01 -10.59
N PRO A 32 4.77 8.90 -9.70
CA PRO A 32 6.12 9.55 -9.60
C PRO A 32 7.02 8.74 -8.67
N ALA A 33 6.71 7.49 -8.45
CA ALA A 33 7.54 6.65 -7.55
C ALA A 33 8.86 6.30 -8.25
N ILE A 34 8.78 5.90 -9.50
CA ILE A 34 10.02 5.54 -10.25
C ILE A 34 11.14 6.53 -9.91
N THR A 35 10.85 7.80 -9.98
CA THR A 35 11.88 8.82 -9.67
C THR A 35 12.40 8.64 -8.24
N PHE A 36 11.52 8.41 -7.31
CA PHE A 36 11.96 8.23 -5.90
C PHE A 36 12.80 6.94 -5.80
N GLY A 37 13.68 6.87 -4.84
CA GLY A 37 14.53 5.66 -4.70
C GLY A 37 14.51 5.17 -3.25
N GLY A 38 13.55 5.63 -2.48
CA GLY A 38 13.48 5.19 -1.06
C GLY A 38 12.82 3.82 -0.97
N LEU A 39 11.66 3.66 -1.56
CA LEU A 39 10.97 2.35 -1.52
C LEU A 39 11.77 1.32 -2.32
N LEU A 40 12.56 1.77 -3.25
CA LEU A 40 13.36 0.81 -4.07
C LEU A 40 14.80 0.79 -3.57
N GLY A 41 15.09 1.53 -2.53
CA GLY A 41 16.48 1.55 -2.00
C GLY A 41 16.76 0.24 -1.24
N GLU A 42 17.21 -0.76 -1.94
CA GLU A 42 17.50 -2.06 -1.27
C GLU A 42 18.87 -1.99 -0.59
N LYS A 43 19.71 -1.10 -1.03
CA LYS A 43 21.06 -0.97 -0.41
C LYS A 43 20.93 -0.95 1.11
#